data_2PJ1
#
_entry.id   2PJ1
#
_cell.length_a   66.392
_cell.length_b   96.152
_cell.length_c   135.528
_cell.angle_alpha   90.00
_cell.angle_beta   90.00
_cell.angle_gamma   90.00
#
_symmetry.space_group_name_H-M   'P 21 21 21'
#
loop_
_entity.id
_entity.type
_entity.pdbx_description
1 polymer 'Carboxypeptidase B'
2 non-polymer 'ZINC ION'
3 non-polymer '(5R,6S,8S)-8-[3-(AMINOMETHYL)PHENYL]-6-HYDROXY-5-ISOPROPYL-3-OXO-1-PHENYL-2,7-DIOXA-4-AZA-6-PHOSPHANONAN-9-OIC ACID 6-OXIDE'
4 water water
#
_entity_poly.entity_id   1
_entity_poly.type   'polypeptide(L)'
_entity_poly.pdbx_seq_one_letter_code
;TTGHSYEKYNNWETIEAWTKQVTSENPDLISRTAIGTTFLGNNIYLLKVGKPGPNKPAIFMDCGFHAREWISHAFCQWFV
REAVLTYGYESHMTEFLNKLDFYVLPVLNIDGYIYTWTKNRMWRKTRSTNAGTTCIGTDPNRNFDAGWCTTGASTDPCDE
TYCGSAAESEKETKALADFIRNNLSSIKAYLTIHSYSQMILYPYSYDYKLPENNAELNNLAKAAVKELATLYGTKYTYGP
GATTIYPAAGGSDDWAYDQGIKYSFTFELRDKGRYGFILPESQIQATCEETMLAIKYVTNYVLGHL
;
_entity_poly.pdbx_strand_id   A,B,C
#
loop_
_chem_comp.id
_chem_comp.type
_chem_comp.name
_chem_comp.formula
578 non-polymer '(5R,6S,8S)-8-[3-(AMINOMETHYL)PHENYL]-6-HYDROXY-5-ISOPROPYL-3-OXO-1-PHENYL-2,7-DIOXA-4-AZA-6-PHOSPHANONAN-9-OIC ACID 6-OXIDE' 'C21 H27 N2 O7 P'
ZN non-polymer 'ZINC ION' 'Zn 2'
#
# COMPACT_ATOMS: atom_id res chain seq x y z
N GLY A 3 -0.86 -11.78 35.97
CA GLY A 3 -0.95 -12.92 36.86
C GLY A 3 -1.27 -14.21 36.11
N HIS A 4 -0.94 -15.34 36.73
CA HIS A 4 -1.18 -16.64 36.12
C HIS A 4 -2.63 -17.07 36.31
N SER A 5 -3.19 -17.72 35.30
CA SER A 5 -4.49 -18.38 35.44
C SER A 5 -4.46 -19.73 34.73
N TYR A 6 -5.04 -20.74 35.36
CA TYR A 6 -5.08 -22.06 34.75
C TYR A 6 -6.14 -22.15 33.66
N GLU A 7 -7.02 -21.15 33.60
CA GLU A 7 -8.08 -21.15 32.60
C GLU A 7 -7.89 -20.05 31.56
N LYS A 8 -6.68 -19.53 31.48
CA LYS A 8 -6.31 -18.64 30.38
C LYS A 8 -4.97 -19.08 29.84
N TYR A 9 -4.68 -18.72 28.60
CA TYR A 9 -3.35 -18.94 28.06
C TYR A 9 -2.41 -17.89 28.62
N ASN A 10 -1.26 -18.34 29.12
CA ASN A 10 -0.32 -17.48 29.82
C ASN A 10 0.93 -17.28 28.98
N ASN A 11 1.48 -16.07 28.97
CA ASN A 11 2.70 -15.83 28.22
C ASN A 11 3.88 -16.45 28.95
N TRP A 12 5.04 -16.52 28.29
CA TRP A 12 6.16 -17.25 28.87
C TRP A 12 6.62 -16.65 30.20
N GLU A 13 6.67 -15.33 30.27
CA GLU A 13 7.12 -14.65 31.49
C GLU A 13 6.26 -15.16 32.65
N THR A 14 4.96 -15.29 32.38
CA THR A 14 4.02 -15.75 33.39
C THR A 14 4.18 -17.23 33.71
N ILE A 15 4.35 -18.05 32.67
CA ILE A 15 4.56 -19.48 32.90
C ILE A 15 5.84 -19.73 33.68
N GLU A 16 6.90 -18.99 33.33
CA GLU A 16 8.16 -19.11 34.04
C GLU A 16 7.98 -18.77 35.52
N ALA A 17 7.33 -17.65 35.81
CA ALA A 17 7.13 -17.23 37.18
C ALA A 17 6.29 -18.29 37.90
N TRP A 18 5.35 -18.87 37.18
CA TRP A 18 4.52 -19.95 37.71
C TRP A 18 5.34 -21.18 38.09
N THR A 19 6.30 -21.57 37.26
CA THR A 19 7.12 -22.74 37.57
C THR A 19 7.86 -22.53 38.88
N LYS A 20 8.28 -21.30 39.13
CA LYS A 20 9.00 -20.97 40.36
C LYS A 20 8.03 -20.96 41.54
N GLN A 21 6.88 -20.33 41.35
CA GLN A 21 5.91 -20.18 42.43
C GLN A 21 5.31 -21.53 42.85
N VAL A 22 4.95 -22.35 41.87
CA VAL A 22 4.26 -23.60 42.19
C VAL A 22 5.21 -24.55 42.88
N THR A 23 6.49 -24.48 42.51
CA THR A 23 7.52 -25.28 43.15
C THR A 23 7.79 -24.78 44.58
N SER A 24 7.91 -23.46 44.73
CA SER A 24 8.14 -22.86 46.04
C SER A 24 7.02 -23.22 47.02
N GLU A 25 5.80 -23.31 46.50
CA GLU A 25 4.63 -23.54 47.33
C GLU A 25 4.37 -25.01 47.58
N ASN A 26 5.06 -25.88 46.85
CA ASN A 26 4.86 -27.33 46.98
C ASN A 26 6.17 -28.10 46.91
N PRO A 27 7.17 -27.71 47.72
CA PRO A 27 8.49 -28.35 47.66
C PRO A 27 8.48 -29.82 48.03
N ASP A 28 7.40 -30.27 48.65
CA ASP A 28 7.28 -31.68 49.04
C ASP A 28 6.63 -32.52 47.94
N LEU A 29 6.34 -31.87 46.81
CA LEU A 29 5.76 -32.57 45.66
C LEU A 29 6.39 -32.16 44.32
N ILE A 30 7.12 -31.06 44.30
CA ILE A 30 7.71 -30.56 43.07
C ILE A 30 9.15 -30.08 43.25
N SER A 31 10.03 -30.50 42.35
CA SER A 31 11.35 -29.89 42.22
C SER A 31 11.49 -29.33 40.81
N ARG A 32 12.12 -28.17 40.69
CA ARG A 32 12.34 -27.55 39.38
C ARG A 32 13.81 -27.55 39.04
N THR A 33 14.13 -28.01 37.83
CA THR A 33 15.47 -27.87 37.30
C THR A 33 15.38 -27.29 35.89
N ALA A 34 16.47 -26.71 35.42
CA ALA A 34 16.56 -26.33 34.02
C ALA A 34 17.43 -27.36 33.31
N ILE A 35 16.96 -27.85 32.15
CA ILE A 35 17.71 -28.89 31.46
C ILE A 35 18.45 -28.35 30.24
N GLY A 36 18.44 -27.04 30.08
CA GLY A 36 19.17 -26.41 29.00
C GLY A 36 18.61 -25.04 28.68
N THR A 37 19.21 -24.37 27.71
CA THR A 37 18.71 -23.09 27.23
C THR A 37 18.23 -23.23 25.80
N THR A 38 17.27 -22.38 25.42
CA THR A 38 16.78 -22.35 24.05
C THR A 38 17.76 -21.56 23.19
N PHE A 39 17.50 -21.51 21.88
CA PHE A 39 18.37 -20.76 20.98
C PHE A 39 18.48 -19.30 21.43
N LEU A 40 17.37 -18.75 21.91
CA LEU A 40 17.33 -17.35 22.31
C LEU A 40 17.56 -17.16 23.81
N GLY A 41 18.01 -18.22 24.48
CA GLY A 41 18.50 -18.06 25.84
C GLY A 41 17.45 -18.13 26.92
N ASN A 42 16.29 -18.70 26.60
CA ASN A 42 15.28 -18.91 27.63
C ASN A 42 15.53 -20.25 28.32
N ASN A 43 15.05 -20.37 29.56
CA ASN A 43 15.37 -21.52 30.41
C ASN A 43 14.35 -22.64 30.21
N ILE A 44 14.84 -23.82 29.83
CA ILE A 44 13.95 -24.95 29.59
C ILE A 44 13.71 -25.68 30.91
N TYR A 45 12.61 -25.36 31.57
CA TYR A 45 12.34 -25.91 32.88
C TYR A 45 11.76 -27.32 32.80
N LEU A 46 12.14 -28.14 33.76
CA LEU A 46 11.55 -29.45 33.94
C LEU A 46 11.06 -29.56 35.38
N LEU A 47 9.82 -29.98 35.56
CA LEU A 47 9.28 -30.14 36.90
C LEU A 47 9.19 -31.61 37.23
N LYS A 48 9.82 -32.01 38.34
CA LYS A 48 9.73 -33.37 38.81
C LYS A 48 8.60 -33.40 39.84
N VAL A 49 7.49 -34.00 39.44
CA VAL A 49 6.28 -34.00 40.27
C VAL A 49 6.13 -35.38 40.89
N GLY A 50 6.06 -35.42 42.22
CA GLY A 50 5.96 -36.69 42.90
C GLY A 50 6.44 -36.58 44.33
N LYS A 51 6.09 -37.57 45.15
CA LYS A 51 6.53 -37.61 46.53
C LYS A 51 7.96 -38.13 46.51
N PRO A 52 8.92 -37.29 46.91
CA PRO A 52 10.33 -37.68 46.72
C PRO A 52 10.73 -38.94 47.49
N GLY A 53 11.63 -39.71 46.87
CA GLY A 53 12.07 -40.95 47.45
C GLY A 53 13.16 -41.55 46.57
N PRO A 54 13.84 -42.59 47.06
CA PRO A 54 14.95 -43.26 46.36
C PRO A 54 14.49 -44.17 45.21
N ASN A 55 15.23 -44.12 44.10
CA ASN A 55 15.08 -45.07 43.02
C ASN A 55 13.64 -45.28 42.58
N LYS A 56 12.98 -44.21 42.16
CA LYS A 56 11.60 -44.30 41.68
C LYS A 56 11.58 -44.39 40.15
N PRO A 57 10.62 -45.16 39.61
CA PRO A 57 10.34 -45.15 38.17
C PRO A 57 9.73 -43.79 37.80
N ALA A 58 9.61 -43.52 36.50
CA ALA A 58 9.14 -42.22 36.07
C ALA A 58 8.31 -42.28 34.80
N ILE A 59 7.46 -41.28 34.62
CA ILE A 59 6.80 -41.03 33.34
C ILE A 59 7.23 -39.63 32.88
N PHE A 60 7.56 -39.51 31.60
CA PHE A 60 7.98 -38.22 31.06
C PHE A 60 6.87 -37.66 30.17
N MET A 61 6.49 -36.41 30.43
CA MET A 61 5.50 -35.72 29.60
C MET A 61 5.99 -34.33 29.24
N ASP A 62 5.92 -34.00 27.96
CA ASP A 62 6.20 -32.63 27.54
C ASP A 62 5.02 -31.96 26.86
N CYS A 63 5.02 -30.64 26.90
CA CYS A 63 4.06 -29.82 26.18
C CYS A 63 4.80 -28.76 25.40
N GLY A 64 4.11 -28.13 24.44
CA GLY A 64 4.67 -26.97 23.78
C GLY A 64 5.80 -27.23 22.79
N PHE A 65 5.82 -28.42 22.20
CA PHE A 65 6.73 -28.66 21.07
C PHE A 65 6.48 -27.61 20.00
N HIS A 66 5.21 -27.39 19.69
CA HIS A 66 4.81 -26.53 18.59
C HIS A 66 4.15 -25.26 19.11
N ALA A 67 4.68 -24.11 18.69
CA ALA A 67 4.41 -22.84 19.35
C ALA A 67 2.93 -22.47 19.41
N ARG A 68 2.21 -22.72 18.33
CA ARG A 68 0.84 -22.24 18.19
C ARG A 68 -0.19 -23.14 18.88
N GLU A 69 0.26 -24.29 19.37
CA GLU A 69 -0.66 -25.26 19.95
C GLU A 69 -0.88 -24.96 21.43
N TRP A 70 -1.53 -23.83 21.69
CA TRP A 70 -1.57 -23.24 23.03
C TRP A 70 -2.25 -24.12 24.08
N ILE A 71 -3.19 -24.95 23.67
CA ILE A 71 -3.88 -25.83 24.61
C ILE A 71 -2.91 -26.87 25.18
N SER A 72 -1.86 -27.18 24.44
CA SER A 72 -0.83 -28.09 24.93
C SER A 72 -0.15 -27.51 26.17
N HIS A 73 0.39 -26.29 26.04
CA HIS A 73 1.04 -25.62 27.16
C HIS A 73 0.08 -25.56 28.34
N ALA A 74 -1.18 -25.26 28.06
CA ALA A 74 -2.17 -25.10 29.12
C ALA A 74 -2.36 -26.41 29.87
N PHE A 75 -2.28 -27.52 29.16
CA PHE A 75 -2.51 -28.80 29.81
C PHE A 75 -1.44 -29.16 30.83
N CYS A 76 -0.17 -28.94 30.49
CA CYS A 76 0.89 -29.31 31.43
C CYS A 76 0.72 -28.54 32.74
N GLN A 77 0.31 -27.29 32.65
CA GLN A 77 0.08 -26.50 33.86
C GLN A 77 -1.11 -27.05 34.65
N TRP A 78 -2.19 -27.38 33.94
CA TRP A 78 -3.38 -27.93 34.58
C TRP A 78 -3.05 -29.21 35.31
N PHE A 79 -2.23 -30.06 34.68
CA PHE A 79 -1.85 -31.35 35.24
C PHE A 79 -1.13 -31.17 36.57
N VAL A 80 -0.22 -30.20 36.61
CA VAL A 80 0.57 -29.99 37.81
C VAL A 80 -0.32 -29.56 38.98
N ARG A 81 -1.26 -28.67 38.73
CA ARG A 81 -2.16 -28.25 39.81
C ARG A 81 -3.00 -29.43 40.31
N GLU A 82 -3.50 -30.25 39.40
CA GLU A 82 -4.28 -31.41 39.81
C GLU A 82 -3.44 -32.31 40.72
N ALA A 83 -2.19 -32.52 40.33
CA ALA A 83 -1.31 -33.37 41.12
C ALA A 83 -1.16 -32.83 42.54
N VAL A 84 -0.82 -31.55 42.66
CA VAL A 84 -0.53 -30.99 43.98
C VAL A 84 -1.78 -30.82 44.84
N LEU A 85 -2.91 -30.53 44.23
CA LEU A 85 -4.13 -30.31 44.99
C LEU A 85 -4.80 -31.60 45.46
N THR A 86 -4.69 -32.66 44.66
CA THR A 86 -5.40 -33.89 44.98
C THR A 86 -4.52 -34.94 45.67
N TYR A 87 -3.22 -34.71 45.73
CA TYR A 87 -2.36 -35.67 46.42
C TYR A 87 -2.80 -35.81 47.87
N GLY A 88 -3.00 -37.06 48.29
CA GLY A 88 -3.39 -37.32 49.66
C GLY A 88 -4.89 -37.44 49.83
N TYR A 89 -5.64 -37.00 48.82
CA TYR A 89 -7.10 -37.05 48.88
C TYR A 89 -7.69 -38.00 47.85
N GLU A 90 -7.20 -37.94 46.62
CA GLU A 90 -7.65 -38.87 45.59
C GLU A 90 -6.69 -40.04 45.52
N SER A 91 -7.21 -41.25 45.70
CA SER A 91 -6.37 -42.42 45.92
C SER A 91 -5.44 -42.72 44.75
N HIS A 92 -5.92 -42.55 43.53
CA HIS A 92 -5.10 -42.87 42.36
C HIS A 92 -3.89 -41.94 42.26
N MET A 93 -4.13 -40.64 42.31
CA MET A 93 -3.03 -39.68 42.18
C MET A 93 -2.06 -39.82 43.35
N THR A 94 -2.59 -40.15 44.52
CA THR A 94 -1.76 -40.32 45.70
C THR A 94 -0.82 -41.50 45.47
N GLU A 95 -1.37 -42.60 44.96
CA GLU A 95 -0.57 -43.77 44.64
C GLU A 95 0.45 -43.44 43.54
N PHE A 96 0.01 -42.73 42.51
CA PHE A 96 0.89 -42.38 41.40
C PHE A 96 2.11 -41.61 41.90
N LEU A 97 1.88 -40.57 42.70
CA LEU A 97 2.96 -39.71 43.16
C LEU A 97 3.85 -40.38 44.20
N ASN A 98 3.29 -41.33 44.95
CA ASN A 98 4.11 -42.08 45.89
C ASN A 98 5.05 -43.05 45.17
N LYS A 99 4.55 -43.67 44.12
CA LYS A 99 5.28 -44.75 43.46
C LYS A 99 6.22 -44.27 42.36
N LEU A 100 5.82 -43.21 41.67
CA LEU A 100 6.63 -42.74 40.54
C LEU A 100 6.75 -41.23 40.51
N ASP A 101 7.63 -40.75 39.63
CA ASP A 101 7.76 -39.33 39.37
C ASP A 101 7.20 -39.03 37.98
N PHE A 102 6.48 -37.92 37.86
CA PHE A 102 6.16 -37.37 36.56
C PHE A 102 7.19 -36.31 36.27
N TYR A 103 7.95 -36.48 35.19
CA TYR A 103 8.77 -35.39 34.69
C TYR A 103 7.91 -34.59 33.72
N VAL A 104 7.55 -33.39 34.12
CA VAL A 104 6.70 -32.54 33.30
C VAL A 104 7.52 -31.40 32.72
N LEU A 105 7.59 -31.33 31.40
CA LEU A 105 8.31 -30.25 30.73
C LEU A 105 7.26 -29.33 30.13
N PRO A 106 6.96 -28.21 30.81
CA PRO A 106 5.76 -27.45 30.46
C PRO A 106 5.79 -26.76 29.10
N VAL A 107 6.96 -26.28 28.69
CA VAL A 107 7.11 -25.71 27.35
C VAL A 107 8.49 -26.03 26.81
N LEU A 108 8.54 -26.80 25.73
CA LEU A 108 9.83 -27.11 25.11
C LEU A 108 10.30 -25.97 24.21
N ASN A 109 9.43 -25.57 23.28
CA ASN A 109 9.77 -24.58 22.27
C ASN A 109 9.36 -23.20 22.75
N ILE A 110 10.11 -22.67 23.70
CA ILE A 110 9.77 -21.43 24.36
C ILE A 110 9.91 -20.25 23.40
N ASP A 111 10.97 -20.27 22.60
CA ASP A 111 11.24 -19.17 21.67
C ASP A 111 10.07 -19.00 20.70
N GLY A 112 9.58 -20.13 20.18
CA GLY A 112 8.48 -20.06 19.24
C GLY A 112 7.21 -19.61 19.95
N TYR A 113 7.02 -20.06 21.18
CA TYR A 113 5.84 -19.69 21.95
C TYR A 113 5.80 -18.18 22.18
N ILE A 114 6.95 -17.62 22.56
CA ILE A 114 7.03 -16.18 22.73
C ILE A 114 6.68 -15.49 21.42
N TYR A 115 7.12 -16.05 20.30
CA TYR A 115 6.85 -15.44 19.01
C TYR A 115 5.36 -15.42 18.69
N THR A 116 4.62 -16.44 19.15
CA THR A 116 3.18 -16.46 18.89
C THR A 116 2.45 -15.41 19.72
N TRP A 117 3.09 -14.94 20.79
CA TRP A 117 2.51 -13.90 21.61
C TRP A 117 2.85 -12.50 21.11
N THR A 118 4.03 -12.37 20.50
CA THR A 118 4.56 -11.06 20.15
C THR A 118 4.38 -10.69 18.68
N LYS A 119 4.36 -11.68 17.81
CA LYS A 119 4.43 -11.40 16.37
C LYS A 119 3.47 -12.21 15.50
N ASN A 120 3.46 -13.54 15.67
CA ASN A 120 2.67 -14.37 14.77
C ASN A 120 2.04 -15.56 15.47
N ARG A 121 0.74 -15.48 15.66
CA ARG A 121 -0.01 -16.46 16.44
C ARG A 121 0.08 -17.87 15.86
N MET A 122 0.39 -17.97 14.57
CA MET A 122 0.40 -19.25 13.89
C MET A 122 1.79 -19.85 13.67
N TRP A 123 2.80 -19.27 14.33
CA TRP A 123 4.14 -19.84 14.24
C TRP A 123 4.18 -21.25 14.82
N ARG A 124 5.00 -22.11 14.23
CA ARG A 124 5.05 -23.52 14.60
C ARG A 124 6.45 -23.93 15.08
N LYS A 125 7.46 -23.50 14.33
CA LYS A 125 8.82 -24.00 14.50
C LYS A 125 9.56 -23.32 15.64
N THR A 126 10.82 -23.69 15.81
CA THR A 126 11.71 -22.95 16.70
C THR A 126 12.02 -21.60 16.06
N ARG A 127 12.91 -20.84 16.69
CA ARG A 127 13.28 -19.54 16.16
C ARG A 127 14.78 -19.43 15.90
N SER A 128 15.42 -20.56 15.62
CA SER A 128 16.85 -20.54 15.33
C SER A 128 17.12 -20.04 13.91
N THR A 129 18.29 -19.43 13.71
CA THR A 129 18.70 -19.01 12.39
C THR A 129 19.22 -20.18 11.56
N ASN A 130 19.21 -20.00 10.24
CA ASN A 130 19.66 -21.03 9.32
C ASN A 130 20.69 -20.43 8.37
N ALA A 131 21.81 -21.13 8.19
CA ALA A 131 22.89 -20.61 7.36
C ALA A 131 22.42 -20.43 5.93
N GLY A 132 22.76 -19.30 5.34
CA GLY A 132 22.53 -19.11 3.91
C GLY A 132 21.15 -18.61 3.54
N THR A 133 20.29 -18.41 4.53
CA THR A 133 18.94 -17.94 4.25
C THR A 133 18.44 -17.03 5.37
N THR A 134 17.42 -16.24 5.06
CA THR A 134 16.75 -15.43 6.07
C THR A 134 15.66 -16.22 6.79
N CYS A 135 15.33 -17.40 6.26
CA CYS A 135 14.26 -18.20 6.84
C CYS A 135 14.63 -18.71 8.23
N ILE A 136 13.66 -18.70 9.12
CA ILE A 136 13.88 -18.99 10.53
C ILE A 136 13.23 -20.30 10.94
N GLY A 137 13.95 -21.10 11.73
CA GLY A 137 13.29 -22.15 12.49
C GLY A 137 13.35 -23.56 11.93
N THR A 138 13.34 -24.51 12.86
CA THR A 138 13.30 -25.93 12.56
C THR A 138 12.06 -26.53 13.21
N ASP A 139 11.45 -27.52 12.58
CA ASP A 139 10.31 -28.21 13.19
C ASP A 139 10.86 -29.20 14.21
N PRO A 140 10.65 -28.93 15.51
CA PRO A 140 11.24 -29.80 16.54
C PRO A 140 10.77 -31.25 16.43
N ASN A 141 9.57 -31.47 15.93
CA ASN A 141 9.05 -32.83 15.84
C ASN A 141 9.40 -33.47 14.49
N ARG A 142 10.39 -32.91 13.82
CA ARG A 142 11.04 -33.57 12.69
C ARG A 142 12.54 -33.67 12.96
N ASN A 143 12.95 -33.30 14.18
CA ASN A 143 14.35 -33.09 14.47
C ASN A 143 15.00 -34.21 15.29
N PHE A 144 14.26 -35.28 15.55
CA PHE A 144 14.81 -36.39 16.32
C PHE A 144 15.36 -37.50 15.43
N ASP A 145 16.27 -38.29 15.99
CA ASP A 145 16.95 -39.34 15.22
C ASP A 145 16.04 -40.56 15.08
N ALA A 146 14.97 -40.42 14.31
CA ALA A 146 14.03 -41.50 14.09
C ALA A 146 13.60 -41.48 12.63
N GLY A 147 14.27 -42.27 11.80
CA GLY A 147 14.07 -42.17 10.36
C GLY A 147 14.28 -40.75 9.90
N TRP A 148 15.25 -40.07 10.51
CA TRP A 148 15.36 -38.62 10.38
C TRP A 148 15.27 -38.10 8.93
N CYS A 149 14.32 -37.18 8.73
CA CYS A 149 14.11 -36.48 7.47
C CYS A 149 13.75 -37.36 6.27
N THR A 150 13.35 -38.59 6.51
CA THR A 150 13.12 -39.54 5.42
C THR A 150 11.74 -39.46 4.77
N THR A 151 10.75 -38.99 5.53
CA THR A 151 9.39 -38.87 5.01
C THR A 151 8.57 -37.87 5.80
N GLY A 152 7.71 -37.12 5.12
CA GLY A 152 6.87 -36.16 5.80
C GLY A 152 7.66 -35.01 6.40
N ALA A 153 8.90 -34.85 5.94
CA ALA A 153 9.74 -33.76 6.40
C ALA A 153 10.38 -33.04 5.22
N SER A 154 10.76 -31.78 5.43
CA SER A 154 11.41 -31.01 4.39
C SER A 154 12.87 -30.73 4.74
N THR A 155 13.73 -30.67 3.72
CA THR A 155 15.11 -30.27 3.93
C THR A 155 15.31 -28.76 3.73
N ASP A 156 14.21 -28.04 3.53
CA ASP A 156 14.27 -26.61 3.25
C ASP A 156 13.95 -25.81 4.51
N PRO A 157 14.88 -24.96 4.97
CA PRO A 157 14.68 -24.15 6.17
C PRO A 157 13.47 -23.21 6.11
N CYS A 158 12.98 -22.94 4.91
CA CYS A 158 11.84 -22.04 4.76
C CYS A 158 10.50 -22.74 4.92
N ASP A 159 10.54 -24.06 5.10
CA ASP A 159 9.31 -24.85 5.18
C ASP A 159 8.92 -25.16 6.63
N GLU A 160 7.63 -25.39 6.83
CA GLU A 160 7.08 -25.59 8.17
C GLU A 160 7.50 -26.92 8.79
N THR A 161 7.92 -27.87 7.96
CA THR A 161 8.35 -29.17 8.47
C THR A 161 9.84 -29.39 8.30
N TYR A 162 10.62 -28.31 8.29
CA TYR A 162 12.07 -28.41 8.14
C TYR A 162 12.65 -29.32 9.21
N CYS A 163 13.44 -30.30 8.79
CA CYS A 163 13.93 -31.30 9.70
C CYS A 163 15.22 -30.88 10.41
N GLY A 164 15.74 -29.72 10.04
CA GLY A 164 16.97 -29.23 10.65
C GLY A 164 18.21 -29.60 9.87
N SER A 165 19.35 -29.06 10.28
CA SER A 165 20.62 -29.36 9.61
C SER A 165 21.09 -30.78 9.94
N ALA A 166 20.60 -31.31 11.06
CA ALA A 166 20.88 -32.68 11.46
C ALA A 166 19.96 -33.01 12.63
N ALA A 167 19.81 -34.30 12.93
CA ALA A 167 19.05 -34.70 14.10
C ALA A 167 19.64 -34.01 15.33
N GLU A 168 18.76 -33.49 16.18
CA GLU A 168 19.14 -32.80 17.41
C GLU A 168 20.00 -31.56 17.17
N SER A 169 19.82 -30.94 16.00
CA SER A 169 20.52 -29.70 15.68
C SER A 169 20.03 -28.56 16.56
N GLU A 170 18.79 -28.64 17.02
CA GLU A 170 18.22 -27.60 17.87
C GLU A 170 18.61 -27.81 19.32
N LYS A 171 18.97 -26.73 20.01
CA LYS A 171 19.32 -26.83 21.42
C LYS A 171 18.21 -27.48 22.24
N GLU A 172 16.97 -27.19 21.88
CA GLU A 172 15.83 -27.66 22.67
C GLU A 172 15.62 -29.16 22.54
N THR A 173 15.74 -29.69 21.32
CA THR A 173 15.55 -31.11 21.13
C THR A 173 16.76 -31.89 21.64
N LYS A 174 17.95 -31.32 21.51
CA LYS A 174 19.13 -31.95 22.09
C LYS A 174 19.00 -32.02 23.61
N ALA A 175 18.49 -30.96 24.22
CA ALA A 175 18.32 -30.94 25.67
C ALA A 175 17.34 -32.02 26.13
N LEU A 176 16.25 -32.20 25.38
CA LEU A 176 15.24 -33.18 25.75
C LEU A 176 15.79 -34.58 25.57
N ALA A 177 16.45 -34.82 24.45
CA ALA A 177 17.00 -36.14 24.15
C ALA A 177 18.09 -36.49 25.17
N ASP A 178 18.90 -35.49 25.52
CA ASP A 178 19.98 -35.70 26.49
C ASP A 178 19.41 -36.12 27.83
N PHE A 179 18.35 -35.45 28.26
CA PHE A 179 17.75 -35.78 29.55
C PHE A 179 17.17 -37.18 29.54
N ILE A 180 16.45 -37.53 28.48
CA ILE A 180 15.85 -38.85 28.41
C ILE A 180 16.91 -39.94 28.33
N ARG A 181 17.96 -39.72 27.54
CA ARG A 181 19.03 -40.71 27.45
C ARG A 181 19.70 -40.92 28.81
N ASN A 182 19.77 -39.87 29.61
CA ASN A 182 20.44 -39.95 30.90
C ASN A 182 19.57 -40.61 31.97
N ASN A 183 18.29 -40.82 31.64
CA ASN A 183 17.35 -41.36 32.61
C ASN A 183 16.53 -42.53 32.05
N LEU A 184 17.09 -43.22 31.06
CA LEU A 184 16.38 -44.31 30.40
C LEU A 184 15.97 -45.42 31.34
N SER A 185 16.79 -45.68 32.35
CA SER A 185 16.53 -46.79 33.27
C SER A 185 15.25 -46.57 34.07
N SER A 186 14.89 -45.30 34.27
CA SER A 186 13.75 -44.97 35.11
C SER A 186 12.48 -44.62 34.32
N ILE A 187 12.64 -44.08 33.12
CA ILE A 187 11.49 -43.62 32.36
C ILE A 187 10.75 -44.78 31.70
N LYS A 188 9.49 -44.98 32.08
CA LYS A 188 8.71 -46.13 31.62
C LYS A 188 7.69 -45.75 30.54
N ALA A 189 7.34 -44.48 30.47
CA ALA A 189 6.44 -43.99 29.44
C ALA A 189 6.83 -42.58 29.00
N TYR A 190 6.58 -42.29 27.72
CA TYR A 190 6.84 -40.97 27.17
C TYR A 190 5.54 -40.46 26.56
N LEU A 191 5.12 -39.28 27.02
CA LEU A 191 3.86 -38.68 26.56
C LEU A 191 4.15 -37.28 26.05
N THR A 192 3.76 -37.01 24.81
CA THR A 192 4.03 -35.70 24.22
C THR A 192 2.72 -35.08 23.72
N ILE A 193 2.46 -33.86 24.15
CA ILE A 193 1.14 -33.25 23.99
C ILE A 193 1.12 -32.22 22.86
N HIS A 194 0.23 -32.43 21.90
CA HIS A 194 0.06 -31.54 20.76
C HIS A 194 -1.44 -31.20 20.61
N SER A 195 -1.74 -30.33 19.65
CA SER A 195 -3.10 -30.16 19.15
C SER A 195 -2.99 -29.79 17.67
N TYR A 196 -4.06 -29.91 16.89
CA TYR A 196 -5.35 -30.43 17.32
C TYR A 196 -5.65 -31.69 16.49
N SER A 197 -6.69 -32.42 16.88
CA SER A 197 -7.26 -33.51 16.07
C SER A 197 -8.04 -34.53 16.89
N GLN A 198 -7.92 -34.45 18.22
CA GLN A 198 -8.54 -35.41 19.10
C GLN A 198 -8.13 -36.84 18.75
N MET A 199 -6.84 -37.12 18.96
CA MET A 199 -6.29 -38.45 18.69
C MET A 199 -5.28 -38.84 19.77
N ILE A 200 -5.11 -40.14 19.95
CA ILE A 200 -3.93 -40.68 20.63
C ILE A 200 -3.14 -41.50 19.61
N LEU A 201 -1.91 -41.07 19.34
CA LEU A 201 -1.06 -41.76 18.38
C LEU A 201 0.03 -42.54 19.09
N TYR A 202 0.43 -43.67 18.50
CA TYR A 202 1.64 -44.37 18.93
C TYR A 202 2.47 -44.72 17.69
N PRO A 203 3.69 -45.23 17.89
CA PRO A 203 4.57 -45.52 16.75
C PRO A 203 3.94 -46.51 15.76
N TYR A 204 4.32 -46.43 14.48
CA TYR A 204 5.35 -45.49 14.02
C TYR A 204 4.78 -44.40 13.12
N SER A 205 5.50 -43.28 13.05
CA SER A 205 5.18 -42.21 12.13
C SER A 205 6.19 -42.08 11.00
N TYR A 206 7.42 -42.55 11.21
CA TYR A 206 8.44 -42.45 10.17
C TYR A 206 8.41 -43.62 9.20
N ASP A 207 7.62 -44.65 9.53
CA ASP A 207 7.42 -45.77 8.63
C ASP A 207 6.06 -46.42 8.91
N TYR A 208 5.58 -47.21 7.95
CA TYR A 208 4.30 -47.88 8.10
C TYR A 208 4.41 -49.17 8.90
N LYS A 209 5.64 -49.56 9.23
CA LYS A 209 5.86 -50.75 10.05
C LYS A 209 5.21 -50.54 11.42
N LEU A 210 4.76 -51.64 12.02
CA LEU A 210 4.13 -51.59 13.34
C LEU A 210 5.11 -51.96 14.44
N PRO A 211 4.96 -51.34 15.62
CA PRO A 211 5.81 -51.65 16.78
C PRO A 211 5.56 -53.06 17.30
N GLU A 212 6.58 -53.62 17.95
CA GLU A 212 6.52 -54.98 18.47
C GLU A 212 5.32 -55.20 19.40
N ASN A 213 4.95 -54.19 20.17
CA ASN A 213 3.83 -54.30 21.10
C ASN A 213 2.61 -53.54 20.59
N ASN A 214 2.42 -53.54 19.27
CA ASN A 214 1.31 -52.84 18.63
C ASN A 214 -0.04 -53.19 19.23
N ALA A 215 -0.27 -54.48 19.50
CA ALA A 215 -1.56 -54.92 20.02
C ALA A 215 -1.82 -54.27 21.37
N GLU A 216 -0.79 -54.26 22.21
CA GLU A 216 -0.92 -53.69 23.55
C GLU A 216 -1.16 -52.19 23.49
N LEU A 217 -0.38 -51.49 22.66
CA LEU A 217 -0.54 -50.05 22.53
C LEU A 217 -1.92 -49.69 22.01
N ASN A 218 -2.43 -50.50 21.07
CA ASN A 218 -3.74 -50.25 20.52
C ASN A 218 -4.81 -50.43 21.61
N ASN A 219 -4.67 -51.50 22.39
CA ASN A 219 -5.63 -51.77 23.46
C ASN A 219 -5.57 -50.68 24.53
N LEU A 220 -4.36 -50.19 24.80
CA LEU A 220 -4.18 -49.15 25.79
C LEU A 220 -4.77 -47.83 25.30
N ALA A 221 -4.48 -47.49 24.05
CA ALA A 221 -5.01 -46.27 23.45
C ALA A 221 -6.53 -46.32 23.40
N LYS A 222 -7.07 -47.47 23.02
CA LYS A 222 -8.52 -47.66 22.95
C LYS A 222 -9.18 -47.41 24.30
N ALA A 223 -8.59 -47.95 25.36
CA ALA A 223 -9.15 -47.81 26.70
C ALA A 223 -9.04 -46.37 27.18
N ALA A 224 -7.93 -45.72 26.84
CA ALA A 224 -7.71 -44.34 27.26
C ALA A 224 -8.70 -43.38 26.58
N VAL A 225 -9.00 -43.62 25.30
CA VAL A 225 -9.96 -42.75 24.62
C VAL A 225 -11.37 -43.00 25.14
N LYS A 226 -11.68 -44.24 25.49
CA LYS A 226 -12.98 -44.54 26.08
C LYS A 226 -13.13 -43.80 27.40
N GLU A 227 -12.06 -43.80 28.19
CA GLU A 227 -12.07 -43.13 29.49
C GLU A 227 -12.25 -41.63 29.32
N LEU A 228 -11.57 -41.07 28.32
CA LEU A 228 -11.63 -39.62 28.09
C LEU A 228 -13.06 -39.21 27.76
N ALA A 229 -13.74 -40.05 26.98
CA ALA A 229 -15.09 -39.73 26.51
C ALA A 229 -16.14 -39.78 27.63
N THR A 230 -15.82 -40.42 28.75
CA THR A 230 -16.80 -40.57 29.81
C THR A 230 -17.24 -39.25 30.42
N LEU A 231 -16.40 -38.23 30.32
CA LEU A 231 -16.62 -37.00 31.04
C LEU A 231 -17.57 -36.05 30.30
N TYR A 232 -17.28 -35.76 29.04
CA TYR A 232 -18.04 -34.79 28.27
C TYR A 232 -18.49 -35.32 26.91
N GLY A 233 -18.12 -36.55 26.61
CA GLY A 233 -18.55 -37.16 25.36
C GLY A 233 -17.63 -36.89 24.18
N THR A 234 -16.48 -36.30 24.46
CA THR A 234 -15.53 -35.95 23.40
C THR A 234 -14.95 -37.22 22.77
N LYS A 235 -15.01 -37.28 21.44
CA LYS A 235 -14.61 -38.49 20.72
C LYS A 235 -13.19 -38.36 20.16
N TYR A 236 -12.33 -39.28 20.57
CA TYR A 236 -10.98 -39.38 20.03
C TYR A 236 -10.87 -40.60 19.13
N THR A 237 -9.98 -40.55 18.15
CA THR A 237 -9.57 -41.74 17.43
C THR A 237 -8.12 -42.05 17.78
N TYR A 238 -7.63 -43.21 17.34
CA TYR A 238 -6.30 -43.65 17.75
C TYR A 238 -5.71 -44.67 16.79
N GLY A 239 -4.39 -44.82 16.88
CA GLY A 239 -3.69 -45.78 16.05
C GLY A 239 -2.26 -45.34 15.79
N PRO A 240 -1.53 -46.06 14.93
CA PRO A 240 -0.16 -45.70 14.54
C PRO A 240 -0.16 -44.35 13.85
N GLY A 241 0.87 -43.55 14.10
CA GLY A 241 0.90 -42.21 13.55
C GLY A 241 0.75 -42.14 12.05
N ALA A 242 1.47 -42.99 11.33
CA ALA A 242 1.57 -42.88 9.88
C ALA A 242 0.21 -43.03 9.19
N THR A 243 -0.61 -43.94 9.68
CA THR A 243 -1.89 -44.24 9.05
C THR A 243 -3.05 -43.45 9.68
N THR A 244 -2.86 -43.00 10.91
CA THR A 244 -3.93 -42.34 11.65
C THR A 244 -4.01 -40.86 11.30
N ILE A 245 -2.87 -40.27 10.94
CA ILE A 245 -2.87 -38.88 10.53
C ILE A 245 -2.04 -38.65 9.26
N TYR A 246 -0.72 -38.77 9.36
CA TYR A 246 0.15 -38.78 8.20
C TYR A 246 1.56 -39.17 8.60
N PRO A 247 2.37 -39.65 7.64
CA PRO A 247 3.78 -39.93 7.89
C PRO A 247 4.52 -38.66 8.30
N ALA A 248 5.35 -38.78 9.33
CA ALA A 248 6.12 -37.65 9.85
C ALA A 248 7.37 -38.17 10.55
N ALA A 249 8.47 -38.24 9.82
CA ALA A 249 9.71 -38.79 10.36
C ALA A 249 10.36 -37.81 11.32
N GLY A 250 11.16 -38.34 12.24
CA GLY A 250 11.93 -37.48 13.13
C GLY A 250 11.16 -37.06 14.37
N GLY A 251 10.09 -37.78 14.69
CA GLY A 251 9.27 -37.44 15.83
C GLY A 251 9.83 -37.94 17.16
N SER A 252 9.53 -37.22 18.23
CA SER A 252 10.07 -37.57 19.53
C SER A 252 9.43 -38.83 20.08
N ASP A 253 8.18 -39.10 19.72
CA ASP A 253 7.53 -40.30 20.22
C ASP A 253 8.16 -41.56 19.62
N ASP A 254 8.43 -41.55 18.32
CA ASP A 254 9.11 -42.67 17.68
C ASP A 254 10.52 -42.84 18.22
N TRP A 255 11.22 -41.73 18.42
CA TRP A 255 12.58 -41.80 18.93
C TRP A 255 12.62 -42.39 20.33
N ALA A 256 11.74 -41.89 21.21
CA ALA A 256 11.69 -42.40 22.58
C ALA A 256 11.36 -43.88 22.60
N TYR A 257 10.45 -44.31 21.73
CA TYR A 257 10.10 -45.72 21.65
C TYR A 257 11.30 -46.58 21.24
N ASP A 258 12.05 -46.10 20.25
CA ASP A 258 13.19 -46.87 19.77
C ASP A 258 14.36 -46.83 20.75
N GLN A 259 14.27 -45.96 21.75
CA GLN A 259 15.23 -45.97 22.86
C GLN A 259 14.89 -47.06 23.86
N GLY A 260 13.70 -47.65 23.71
CA GLY A 260 13.29 -48.73 24.60
C GLY A 260 12.18 -48.34 25.57
N ILE A 261 11.66 -47.13 25.41
CA ILE A 261 10.49 -46.73 26.19
C ILE A 261 9.24 -47.25 25.50
N LYS A 262 8.69 -48.32 26.07
CA LYS A 262 7.72 -49.15 25.37
C LYS A 262 6.34 -48.50 25.27
N TYR A 263 6.07 -47.56 26.15
CA TYR A 263 4.81 -46.83 26.11
C TYR A 263 5.07 -45.40 25.69
N SER A 264 4.80 -45.11 24.42
CA SER A 264 5.10 -43.83 23.83
C SER A 264 3.90 -43.34 23.04
N PHE A 265 3.37 -42.19 23.42
CA PHE A 265 2.12 -41.69 22.86
C PHE A 265 2.23 -40.22 22.53
N THR A 266 1.67 -39.84 21.38
CA THR A 266 1.41 -38.44 21.09
C THR A 266 -0.09 -38.18 21.27
N PHE A 267 -0.42 -37.19 22.09
CA PHE A 267 -1.81 -36.77 22.21
C PHE A 267 -2.07 -35.57 21.31
N GLU A 268 -3.19 -35.62 20.59
CA GLU A 268 -3.68 -34.46 19.85
C GLU A 268 -4.98 -34.02 20.51
N LEU A 269 -4.96 -32.87 21.17
CA LEU A 269 -6.13 -32.44 21.94
C LEU A 269 -7.17 -31.77 21.05
N ARG A 270 -8.16 -31.12 21.66
CA ARG A 270 -9.25 -30.48 20.91
C ARG A 270 -8.72 -29.37 20.00
N ASP A 271 -9.45 -29.01 18.96
CA ASP A 271 -10.65 -29.75 18.54
C ASP A 271 -10.37 -30.51 17.25
N LYS A 272 -11.31 -30.49 16.32
CA LYS A 272 -11.11 -31.18 15.05
C LYS A 272 -11.13 -30.22 13.87
N GLY A 273 -10.98 -28.93 14.16
CA GLY A 273 -10.79 -27.96 13.10
C GLY A 273 -11.71 -26.75 13.15
N ARG A 274 -12.77 -26.82 13.94
CA ARG A 274 -13.67 -25.68 14.10
C ARG A 274 -12.89 -24.45 14.48
N TYR A 275 -12.08 -24.56 15.53
CA TYR A 275 -11.22 -23.47 15.97
C TYR A 275 -9.76 -23.79 15.69
N GLY A 276 -9.44 -25.07 15.56
CA GLY A 276 -8.07 -25.47 15.26
C GLY A 276 -7.12 -25.12 16.39
N PHE A 277 -6.03 -24.44 16.05
CA PHE A 277 -5.03 -24.05 17.05
C PHE A 277 -5.55 -22.94 17.95
N ILE A 278 -6.55 -22.20 17.48
CA ILE A 278 -7.04 -21.05 18.22
C ILE A 278 -8.22 -21.48 19.08
N LEU A 279 -8.01 -22.50 19.90
CA LEU A 279 -9.05 -23.01 20.78
C LEU A 279 -9.37 -21.95 21.82
N PRO A 280 -10.66 -21.61 21.99
CA PRO A 280 -11.01 -20.56 22.95
C PRO A 280 -10.65 -20.93 24.38
N GLU A 281 -10.32 -19.94 25.20
CA GLU A 281 -9.98 -20.19 26.58
C GLU A 281 -11.14 -20.85 27.32
N SER A 282 -12.36 -20.64 26.82
CA SER A 282 -13.54 -21.22 27.42
C SER A 282 -13.60 -22.75 27.26
N GLN A 283 -12.67 -23.32 26.50
CA GLN A 283 -12.59 -24.77 26.41
C GLN A 283 -11.39 -25.37 27.13
N ILE A 284 -10.57 -24.54 27.75
CA ILE A 284 -9.38 -25.02 28.43
C ILE A 284 -9.73 -26.02 29.54
N GLN A 285 -10.66 -25.65 30.43
CA GLN A 285 -10.98 -26.50 31.56
C GLN A 285 -11.50 -27.87 31.14
N ALA A 286 -12.47 -27.90 30.23
CA ALA A 286 -13.08 -29.15 29.82
C ALA A 286 -12.06 -30.02 29.07
N THR A 287 -11.30 -29.40 28.18
CA THR A 287 -10.26 -30.11 27.45
C THR A 287 -9.26 -30.75 28.41
N CYS A 288 -8.81 -29.98 29.39
CA CYS A 288 -7.81 -30.47 30.32
C CYS A 288 -8.37 -31.55 31.25
N GLU A 289 -9.61 -31.37 31.72
CA GLU A 289 -10.19 -32.36 32.63
C GLU A 289 -10.35 -33.72 31.97
N GLU A 290 -10.83 -33.75 30.73
CA GLU A 290 -11.02 -35.03 30.05
C GLU A 290 -9.67 -35.64 29.69
N THR A 291 -8.71 -34.81 29.31
CA THR A 291 -7.37 -35.32 29.00
C THR A 291 -6.73 -35.94 30.24
N MET A 292 -6.96 -35.32 31.39
CA MET A 292 -6.46 -35.86 32.65
C MET A 292 -6.87 -37.31 32.83
N LEU A 293 -8.12 -37.62 32.48
CA LEU A 293 -8.64 -38.97 32.67
C LEU A 293 -7.85 -39.97 31.84
N ALA A 294 -7.48 -39.57 30.62
CA ALA A 294 -6.73 -40.46 29.74
C ALA A 294 -5.30 -40.61 30.23
N ILE A 295 -4.70 -39.51 30.68
CA ILE A 295 -3.33 -39.56 31.16
C ILE A 295 -3.23 -40.42 32.42
N LYS A 296 -4.19 -40.26 33.32
CA LYS A 296 -4.21 -41.05 34.55
C LYS A 296 -4.48 -42.51 34.26
N TYR A 297 -5.31 -42.80 33.26
CA TYR A 297 -5.57 -44.19 32.90
C TYR A 297 -4.28 -44.85 32.44
N VAL A 298 -3.55 -44.17 31.57
CA VAL A 298 -2.29 -44.68 31.06
C VAL A 298 -1.26 -44.84 32.18
N THR A 299 -1.21 -43.88 33.10
CA THR A 299 -0.30 -43.95 34.22
C THR A 299 -0.61 -45.17 35.09
N ASN A 300 -1.89 -45.38 35.33
CA ASN A 300 -2.33 -46.49 36.17
C ASN A 300 -1.94 -47.81 35.52
N TYR A 301 -2.13 -47.90 34.21
CA TYR A 301 -1.77 -49.10 33.47
C TYR A 301 -0.26 -49.35 33.54
N VAL A 302 0.52 -48.31 33.29
CA VAL A 302 1.98 -48.47 33.27
C VAL A 302 2.50 -48.89 34.64
N LEU A 303 1.99 -48.24 35.68
CA LEU A 303 2.38 -48.55 37.04
C LEU A 303 2.06 -50.00 37.38
N GLY A 304 0.91 -50.48 36.91
CA GLY A 304 0.51 -51.84 37.21
C GLY A 304 1.25 -52.87 36.40
N HIS A 305 2.09 -52.40 35.47
CA HIS A 305 2.85 -53.30 34.60
C HIS A 305 4.35 -53.01 34.65
N LEU A 306 4.87 -52.77 35.85
CA LEU A 306 6.30 -52.58 36.02
C LEU A 306 6.98 -53.88 36.41
N THR B 2 -5.16 -25.34 1.20
CA THR B 2 -6.03 -25.40 0.03
C THR B 2 -5.22 -25.53 -1.26
N GLY B 3 -5.72 -26.32 -2.20
CA GLY B 3 -4.99 -26.55 -3.43
C GLY B 3 -4.83 -25.30 -4.26
N HIS B 4 -3.73 -25.20 -4.98
CA HIS B 4 -3.43 -24.04 -5.81
C HIS B 4 -4.17 -24.10 -7.13
N SER B 5 -4.70 -22.97 -7.57
CA SER B 5 -5.23 -22.83 -8.92
C SER B 5 -4.74 -21.52 -9.52
N TYR B 6 -4.44 -21.51 -10.82
CA TYR B 6 -4.02 -20.28 -11.47
C TYR B 6 -5.20 -19.39 -11.86
N GLU B 7 -6.41 -19.93 -11.82
CA GLU B 7 -7.60 -19.14 -12.12
C GLU B 7 -8.47 -18.93 -10.89
N LYS B 8 -7.85 -19.03 -9.72
CA LYS B 8 -8.49 -18.60 -8.48
C LYS B 8 -7.49 -17.74 -7.72
N TYR B 9 -8.00 -16.84 -6.88
CA TYR B 9 -7.10 -16.12 -5.99
C TYR B 9 -6.74 -17.04 -4.83
N ASN B 10 -5.45 -17.19 -4.58
CA ASN B 10 -4.97 -18.13 -3.58
C ASN B 10 -4.53 -17.40 -2.33
N ASN B 11 -4.81 -17.95 -1.16
CA ASN B 11 -4.35 -17.33 0.08
C ASN B 11 -2.84 -17.56 0.23
N TRP B 12 -2.22 -16.89 1.19
CA TRP B 12 -0.77 -16.93 1.30
C TRP B 12 -0.23 -18.34 1.53
N GLU B 13 -0.88 -19.10 2.41
CA GLU B 13 -0.42 -20.45 2.68
C GLU B 13 -0.32 -21.24 1.38
N THR B 14 -1.32 -21.06 0.53
CA THR B 14 -1.36 -21.75 -0.76
C THR B 14 -0.29 -21.23 -1.72
N ILE B 15 -0.12 -19.91 -1.79
CA ILE B 15 0.91 -19.34 -2.64
C ILE B 15 2.29 -19.81 -2.18
N GLU B 16 2.52 -19.80 -0.87
CA GLU B 16 3.77 -20.26 -0.32
C GLU B 16 4.07 -21.71 -0.69
N ALA B 17 3.08 -22.59 -0.50
CA ALA B 17 3.24 -23.99 -0.87
C ALA B 17 3.50 -24.12 -2.36
N TRP B 18 2.87 -23.24 -3.15
CA TRP B 18 3.10 -23.24 -4.59
C TRP B 18 4.54 -22.85 -4.94
N THR B 19 5.12 -21.89 -4.23
CA THR B 19 6.48 -21.49 -4.56
C THR B 19 7.44 -22.66 -4.36
N LYS B 20 7.19 -23.47 -3.34
CA LYS B 20 8.02 -24.64 -3.10
C LYS B 20 7.78 -25.70 -4.15
N GLN B 21 6.51 -25.93 -4.48
CA GLN B 21 6.16 -26.99 -5.42
C GLN B 21 6.67 -26.69 -6.83
N VAL B 22 6.44 -25.48 -7.31
CA VAL B 22 6.81 -25.16 -8.68
C VAL B 22 8.34 -25.17 -8.81
N THR B 23 9.03 -24.83 -7.73
CA THR B 23 10.49 -24.86 -7.73
C THR B 23 11.00 -26.30 -7.69
N SER B 24 10.38 -27.12 -6.87
CA SER B 24 10.79 -28.51 -6.75
C SER B 24 10.59 -29.26 -8.06
N GLU B 25 9.53 -28.90 -8.79
CA GLU B 25 9.22 -29.56 -10.05
C GLU B 25 10.09 -29.06 -11.19
N ASN B 26 10.70 -27.89 -11.02
CA ASN B 26 11.46 -27.26 -12.09
C ASN B 26 12.79 -26.68 -11.63
N PRO B 27 13.62 -27.47 -10.95
CA PRO B 27 14.86 -26.92 -10.41
C PRO B 27 15.84 -26.49 -11.50
N ASP B 28 15.60 -26.96 -12.72
CA ASP B 28 16.46 -26.60 -13.84
C ASP B 28 16.12 -25.23 -14.44
N LEU B 29 15.02 -24.64 -13.97
CA LEU B 29 14.59 -23.32 -14.45
C LEU B 29 14.25 -22.34 -13.34
N ILE B 30 14.05 -22.84 -12.11
CA ILE B 30 13.66 -21.98 -10.99
C ILE B 30 14.51 -22.27 -9.77
N SER B 31 15.06 -21.21 -9.18
CA SER B 31 15.63 -21.30 -7.84
C SER B 31 14.85 -20.35 -6.92
N ARG B 32 14.50 -20.85 -5.73
CA ARG B 32 13.75 -20.06 -4.78
C ARG B 32 14.63 -19.65 -3.61
N THR B 33 14.65 -18.36 -3.32
CA THR B 33 15.29 -17.86 -2.12
C THR B 33 14.29 -17.02 -1.34
N ALA B 34 14.65 -16.68 -0.11
CA ALA B 34 13.92 -15.66 0.63
C ALA B 34 14.85 -14.47 0.78
N ILE B 35 14.32 -13.27 0.58
CA ILE B 35 15.17 -12.08 0.65
C ILE B 35 14.98 -11.32 1.95
N GLY B 36 14.19 -11.89 2.84
CA GLY B 36 13.94 -11.26 4.13
C GLY B 36 12.65 -11.77 4.74
N THR B 37 12.24 -11.18 5.85
CA THR B 37 10.99 -11.54 6.50
C THR B 37 10.10 -10.31 6.63
N THR B 38 8.80 -10.53 6.68
CA THR B 38 7.86 -9.44 6.85
C THR B 38 7.79 -9.01 8.31
N PHE B 39 7.02 -7.96 8.58
CA PHE B 39 6.80 -7.51 9.94
C PHE B 39 6.30 -8.66 10.81
N LEU B 40 5.40 -9.48 10.26
CA LEU B 40 4.82 -10.59 11.01
C LEU B 40 5.60 -11.89 10.87
N GLY B 41 6.77 -11.82 10.23
CA GLY B 41 7.65 -12.99 10.20
C GLY B 41 7.39 -13.97 9.07
N ASN B 42 6.65 -13.56 8.06
CA ASN B 42 6.46 -14.41 6.89
C ASN B 42 7.66 -14.29 5.94
N ASN B 43 7.86 -15.31 5.12
CA ASN B 43 9.05 -15.35 4.27
C ASN B 43 8.80 -14.66 2.94
N ILE B 44 9.64 -13.69 2.60
CA ILE B 44 9.49 -12.97 1.33
C ILE B 44 10.23 -13.73 0.24
N TYR B 45 9.51 -14.56 -0.50
CA TYR B 45 10.14 -15.41 -1.50
C TYR B 45 10.47 -14.66 -2.77
N LEU B 46 11.55 -15.09 -3.40
CA LEU B 46 11.94 -14.58 -4.71
C LEU B 46 12.22 -15.79 -5.59
N LEU B 47 11.65 -15.81 -6.78
CA LEU B 47 11.89 -16.90 -7.71
C LEU B 47 12.77 -16.43 -8.85
N LYS B 48 13.93 -17.06 -9.00
CA LYS B 48 14.84 -16.74 -10.08
C LYS B 48 14.54 -17.71 -11.22
N VAL B 49 13.95 -17.18 -12.29
CA VAL B 49 13.45 -18.00 -13.38
C VAL B 49 14.36 -17.82 -14.59
N GLY B 50 14.91 -18.92 -15.08
CA GLY B 50 15.85 -18.84 -16.18
C GLY B 50 16.79 -20.04 -16.20
N LYS B 51 17.42 -20.29 -17.34
CA LYS B 51 18.38 -21.37 -17.42
C LYS B 51 19.69 -20.86 -16.84
N PRO B 52 20.15 -21.47 -15.74
CA PRO B 52 21.32 -20.93 -15.04
C PRO B 52 22.55 -20.85 -15.92
N GLY B 53 23.34 -19.79 -15.73
CA GLY B 53 24.54 -19.59 -16.53
C GLY B 53 25.32 -18.41 -15.98
N PRO B 54 26.58 -18.23 -16.44
CA PRO B 54 27.46 -17.16 -15.96
C PRO B 54 27.10 -15.77 -16.48
N ASN B 55 27.19 -14.78 -15.61
CA ASN B 55 27.15 -13.37 -16.02
C ASN B 55 25.89 -13.00 -16.79
N LYS B 56 24.74 -13.50 -16.34
CA LYS B 56 23.48 -13.20 -17.03
C LYS B 56 22.88 -11.89 -16.53
N PRO B 57 22.39 -11.06 -17.46
CA PRO B 57 21.58 -9.89 -17.10
C PRO B 57 20.23 -10.37 -16.57
N ALA B 58 19.48 -9.47 -15.96
CA ALA B 58 18.23 -9.86 -15.32
C ALA B 58 17.13 -8.82 -15.48
N ILE B 59 15.90 -9.29 -15.43
CA ILE B 59 14.76 -8.41 -15.28
C ILE B 59 14.11 -8.75 -13.95
N PHE B 60 13.72 -7.72 -13.20
CA PHE B 60 13.12 -7.93 -11.90
C PHE B 60 11.65 -7.56 -11.96
N MET B 61 10.78 -8.44 -11.48
CA MET B 61 9.35 -8.17 -11.46
C MET B 61 8.76 -8.53 -10.12
N ASP B 62 7.95 -7.63 -9.56
CA ASP B 62 7.23 -7.96 -8.33
C ASP B 62 5.73 -7.77 -8.46
N CYS B 63 5.00 -8.48 -7.62
CA CYS B 63 3.56 -8.33 -7.51
C CYS B 63 3.18 -8.17 -6.04
N GLY B 64 1.95 -7.74 -5.78
CA GLY B 64 1.43 -7.77 -4.43
C GLY B 64 1.96 -6.70 -3.50
N PHE B 65 2.41 -5.56 -4.04
CA PHE B 65 2.73 -4.42 -3.19
C PHE B 65 1.52 -4.05 -2.35
N HIS B 66 0.36 -3.98 -3.00
CA HIS B 66 -0.84 -3.53 -2.33
C HIS B 66 -1.80 -4.69 -2.12
N ALA B 67 -2.25 -4.83 -0.88
CA ALA B 67 -2.90 -6.06 -0.43
C ALA B 67 -4.16 -6.40 -1.21
N ARG B 68 -4.98 -5.40 -1.49
CA ARG B 68 -6.29 -5.63 -2.11
C ARG B 68 -6.23 -5.89 -3.61
N GLU B 69 -5.07 -5.67 -4.23
CA GLU B 69 -4.96 -5.79 -5.68
C GLU B 69 -4.68 -7.24 -6.08
N TRP B 70 -5.67 -8.11 -5.88
CA TRP B 70 -5.46 -9.55 -5.95
C TRP B 70 -5.06 -10.05 -7.33
N ILE B 71 -5.42 -9.33 -8.39
CA ILE B 71 -5.04 -9.76 -9.73
C ILE B 71 -3.53 -9.62 -9.94
N SER B 72 -2.90 -8.75 -9.17
CA SER B 72 -1.45 -8.60 -9.25
C SER B 72 -0.76 -9.89 -8.84
N HIS B 73 -1.11 -10.39 -7.65
CA HIS B 73 -0.50 -11.62 -7.14
C HIS B 73 -0.75 -12.76 -8.14
N ALA B 74 -1.95 -12.82 -8.68
CA ALA B 74 -2.30 -13.87 -9.63
C ALA B 74 -1.41 -13.83 -10.87
N PHE B 75 -1.07 -12.64 -11.33
CA PHE B 75 -0.26 -12.54 -12.54
C PHE B 75 1.15 -13.09 -12.36
N CYS B 76 1.81 -12.79 -11.24
CA CYS B 76 3.15 -13.31 -11.05
C CYS B 76 3.15 -14.83 -11.11
N GLN B 77 2.12 -15.44 -10.55
CA GLN B 77 2.00 -16.89 -10.60
C GLN B 77 1.80 -17.37 -12.03
N TRP B 78 0.91 -16.70 -12.77
CA TRP B 78 0.65 -17.07 -14.16
C TRP B 78 1.94 -17.02 -14.98
N PHE B 79 2.72 -15.96 -14.76
CA PHE B 79 3.94 -15.76 -15.53
C PHE B 79 4.91 -16.91 -15.35
N VAL B 80 5.09 -17.33 -14.10
CA VAL B 80 6.05 -18.37 -13.80
C VAL B 80 5.68 -19.67 -14.49
N ARG B 81 4.39 -20.03 -14.50
CA ARG B 81 3.99 -21.23 -15.21
C ARG B 81 4.26 -21.14 -16.71
N GLU B 82 3.86 -20.04 -17.34
CA GLU B 82 4.10 -19.89 -18.77
C GLU B 82 5.58 -20.02 -19.07
N ALA B 83 6.40 -19.41 -18.22
CA ALA B 83 7.85 -19.42 -18.45
C ALA B 83 8.39 -20.84 -18.47
N VAL B 84 8.08 -21.63 -17.44
CA VAL B 84 8.68 -22.95 -17.33
C VAL B 84 8.05 -23.97 -18.28
N LEU B 85 6.77 -23.80 -18.61
CA LEU B 85 6.12 -24.75 -19.49
C LEU B 85 6.46 -24.55 -20.97
N THR B 86 6.68 -23.30 -21.38
CA THR B 86 6.96 -23.03 -22.79
C THR B 86 8.44 -22.97 -23.12
N TYR B 87 9.29 -22.95 -22.09
CA TYR B 87 10.73 -22.96 -22.35
C TYR B 87 11.11 -24.20 -23.15
N GLY B 88 11.79 -23.98 -24.27
CA GLY B 88 12.20 -25.07 -25.12
C GLY B 88 11.30 -25.23 -26.33
N TYR B 89 10.13 -24.59 -26.29
CA TYR B 89 9.13 -24.79 -27.32
C TYR B 89 8.70 -23.50 -28.01
N GLU B 90 8.52 -22.44 -27.24
CA GLU B 90 8.28 -21.13 -27.81
C GLU B 90 9.62 -20.41 -27.93
N SER B 91 10.00 -20.03 -29.15
CA SER B 91 11.35 -19.58 -29.42
C SER B 91 11.75 -18.36 -28.61
N HIS B 92 10.81 -17.43 -28.43
CA HIS B 92 11.13 -16.19 -27.73
C HIS B 92 11.36 -16.40 -26.24
N MET B 93 10.46 -17.11 -25.58
CA MET B 93 10.64 -17.40 -24.16
C MET B 93 11.89 -18.26 -23.95
N THR B 94 12.19 -19.12 -24.91
CA THR B 94 13.41 -19.92 -24.83
C THR B 94 14.64 -19.01 -24.85
N GLU B 95 14.66 -18.07 -25.78
CA GLU B 95 15.76 -17.11 -25.84
C GLU B 95 15.81 -16.29 -24.56
N PHE B 96 14.65 -15.85 -24.08
CA PHE B 96 14.60 -15.04 -22.86
C PHE B 96 15.31 -15.74 -21.72
N LEU B 97 14.92 -16.99 -21.45
CA LEU B 97 15.43 -17.69 -20.28
C LEU B 97 16.85 -18.18 -20.47
N ASN B 98 17.29 -18.30 -21.72
CA ASN B 98 18.68 -18.63 -21.99
C ASN B 98 19.59 -17.44 -21.74
N LYS B 99 19.12 -16.25 -22.11
CA LYS B 99 19.97 -15.07 -22.13
C LYS B 99 19.87 -14.23 -20.85
N LEU B 100 18.72 -14.26 -20.19
CA LEU B 100 18.56 -13.50 -18.96
C LEU B 100 17.85 -14.31 -17.88
N ASP B 101 17.88 -13.78 -16.66
CA ASP B 101 17.08 -14.33 -15.57
C ASP B 101 15.93 -13.38 -15.27
N PHE B 102 14.77 -13.95 -14.96
CA PHE B 102 13.66 -13.18 -14.41
C PHE B 102 13.63 -13.40 -12.92
N TYR B 103 13.80 -12.34 -12.15
CA TYR B 103 13.51 -12.41 -10.72
C TYR B 103 12.04 -12.09 -10.54
N VAL B 104 11.28 -13.05 -10.01
CA VAL B 104 9.86 -12.83 -9.77
C VAL B 104 9.58 -12.88 -8.28
N LEU B 105 9.10 -11.77 -7.74
CA LEU B 105 8.74 -11.70 -6.33
C LEU B 105 7.22 -11.76 -6.26
N PRO B 106 6.66 -12.95 -5.98
CA PRO B 106 5.21 -13.14 -6.17
C PRO B 106 4.31 -12.30 -5.25
N VAL B 107 4.72 -12.11 -4.00
CA VAL B 107 3.97 -11.26 -3.08
C VAL B 107 4.93 -10.50 -2.16
N LEU B 108 4.99 -9.18 -2.31
CA LEU B 108 5.84 -8.39 -1.43
C LEU B 108 5.17 -8.17 -0.08
N ASN B 109 3.95 -7.64 -0.11
CA ASN B 109 3.25 -7.27 1.11
C ASN B 109 2.37 -8.44 1.58
N ILE B 110 3.03 -9.46 2.13
CA ILE B 110 2.37 -10.69 2.52
C ILE B 110 1.41 -10.45 3.69
N ASP B 111 1.86 -9.67 4.67
CA ASP B 111 1.04 -9.45 5.87
C ASP B 111 -0.28 -8.78 5.51
N GLY B 112 -0.21 -7.78 4.62
CA GLY B 112 -1.43 -7.09 4.22
C GLY B 112 -2.34 -8.00 3.42
N TYR B 113 -1.75 -8.84 2.57
CA TYR B 113 -2.54 -9.76 1.76
C TYR B 113 -3.32 -10.71 2.66
N ILE B 114 -2.67 -11.24 3.69
CA ILE B 114 -3.34 -12.12 4.64
C ILE B 114 -4.51 -11.39 5.29
N TYR B 115 -4.31 -10.12 5.60
CA TYR B 115 -5.34 -9.32 6.24
C TYR B 115 -6.56 -9.14 5.35
N THR B 116 -6.36 -9.07 4.03
CA THR B 116 -7.50 -8.92 3.13
C THR B 116 -8.28 -10.23 3.01
N TRP B 117 -7.66 -11.33 3.36
CA TRP B 117 -8.33 -12.63 3.38
C TRP B 117 -9.07 -12.88 4.69
N THR B 118 -8.61 -12.25 5.76
CA THR B 118 -9.12 -12.57 7.09
C THR B 118 -10.05 -11.50 7.68
N LYS B 119 -9.81 -10.24 7.35
CA LYS B 119 -10.44 -9.14 8.08
C LYS B 119 -11.06 -8.07 7.20
N ASN B 120 -10.33 -7.62 6.19
CA ASN B 120 -10.73 -6.45 5.42
C ASN B 120 -10.24 -6.54 3.99
N ARG B 121 -11.13 -6.95 3.09
CA ARG B 121 -10.81 -7.15 1.68
C ARG B 121 -10.21 -5.92 1.04
N MET B 122 -10.47 -4.75 1.60
CA MET B 122 -10.06 -3.49 0.97
C MET B 122 -8.79 -2.89 1.57
N TRP B 123 -8.09 -3.66 2.40
CA TRP B 123 -6.84 -3.19 2.98
C TRP B 123 -5.77 -2.99 1.90
N ARG B 124 -4.94 -1.98 2.09
CA ARG B 124 -3.94 -1.57 1.11
C ARG B 124 -2.51 -1.71 1.64
N LYS B 125 -2.29 -1.20 2.85
CA LYS B 125 -0.94 -1.03 3.38
C LYS B 125 -0.34 -2.31 3.97
N THR B 126 0.83 -2.17 4.56
CA THR B 126 1.43 -3.26 5.34
C THR B 126 0.67 -3.38 6.66
N ARG B 127 1.18 -4.20 7.56
CA ARG B 127 0.51 -4.39 8.85
C ARG B 127 1.43 -4.11 10.03
N SER B 128 2.47 -3.30 9.80
CA SER B 128 3.37 -2.92 10.87
C SER B 128 2.72 -1.91 11.80
N THR B 129 3.13 -1.91 13.07
CA THR B 129 2.63 -0.94 14.03
C THR B 129 3.30 0.42 13.86
N ASN B 130 2.63 1.46 14.33
CA ASN B 130 3.15 2.82 14.25
C ASN B 130 3.18 3.44 15.65
N ALA B 131 4.28 4.09 15.99
CA ALA B 131 4.43 4.66 17.31
C ALA B 131 3.38 5.74 17.57
N GLY B 132 2.79 5.72 18.76
CA GLY B 132 1.93 6.81 19.19
C GLY B 132 0.51 6.76 18.64
N THR B 133 0.16 5.66 17.99
CA THR B 133 -1.17 5.53 17.38
C THR B 133 -1.60 4.07 17.29
N THR B 134 -2.90 3.84 17.18
CA THR B 134 -3.44 2.50 16.95
C THR B 134 -3.54 2.23 15.45
N CYS B 135 -3.34 3.25 14.63
CA CYS B 135 -3.40 3.07 13.19
C CYS B 135 -2.25 2.20 12.70
N ILE B 136 -2.59 1.26 11.82
CA ILE B 136 -1.65 0.24 11.37
C ILE B 136 -1.21 0.49 9.93
N GLY B 137 0.06 0.24 9.66
CA GLY B 137 0.51 0.07 8.29
C GLY B 137 1.13 1.27 7.59
N THR B 138 2.00 0.97 6.64
CA THR B 138 2.62 1.97 5.78
C THR B 138 2.32 1.59 4.33
N ASP B 139 2.22 2.59 3.46
CA ASP B 139 2.03 2.32 2.04
C ASP B 139 3.39 1.96 1.46
N PRO B 140 3.57 0.69 1.06
CA PRO B 140 4.89 0.29 0.56
C PRO B 140 5.34 1.09 -0.65
N ASN B 141 4.37 1.54 -1.46
CA ASN B 141 4.72 2.31 -2.65
C ASN B 141 4.78 3.81 -2.39
N ARG B 142 4.89 4.17 -1.11
CA ARG B 142 5.33 5.51 -0.74
C ARG B 142 6.57 5.42 0.15
N ASN B 143 7.13 4.22 0.26
CA ASN B 143 8.17 3.97 1.26
C ASN B 143 9.56 3.83 0.68
N PHE B 144 9.71 4.07 -0.63
CA PHE B 144 11.03 3.98 -1.25
C PHE B 144 11.71 5.34 -1.37
N ASP B 145 13.03 5.31 -1.54
CA ASP B 145 13.87 6.51 -1.48
C ASP B 145 13.84 7.24 -2.82
N ALA B 146 12.64 7.68 -3.22
CA ALA B 146 12.46 8.42 -4.47
C ALA B 146 11.61 9.64 -4.20
N GLY B 147 12.27 10.80 -4.12
CA GLY B 147 11.58 12.00 -3.65
C GLY B 147 10.75 11.73 -2.40
N TRP B 148 11.31 10.94 -1.49
CA TRP B 148 10.50 10.33 -0.43
C TRP B 148 9.63 11.30 0.37
N CYS B 149 8.33 10.99 0.39
CA CYS B 149 7.31 11.70 1.17
C CYS B 149 7.18 13.18 0.84
N THR B 150 7.58 13.58 -0.37
CA THR B 150 7.53 14.99 -0.74
C THR B 150 6.22 15.41 -1.41
N THR B 151 5.57 14.47 -2.09
CA THR B 151 4.31 14.78 -2.75
C THR B 151 3.45 13.53 -2.91
N GLY B 152 2.14 13.71 -2.91
CA GLY B 152 1.24 12.59 -3.10
C GLY B 152 1.39 11.51 -2.05
N ALA B 153 1.90 11.90 -0.88
CA ALA B 153 2.08 10.98 0.24
C ALA B 153 1.74 11.69 1.54
N SER B 154 1.38 10.92 2.56
CA SER B 154 0.93 11.49 3.82
C SER B 154 1.90 11.16 4.96
N THR B 155 2.06 12.09 5.89
CA THR B 155 2.84 11.84 7.09
C THR B 155 1.95 11.32 8.22
N ASP B 156 0.66 11.17 7.94
CA ASP B 156 -0.29 10.65 8.91
C ASP B 156 -0.35 9.12 8.82
N PRO B 157 0.03 8.43 9.90
CA PRO B 157 0.05 6.96 9.87
C PRO B 157 -1.32 6.33 9.60
N CYS B 158 -2.38 7.10 9.80
CA CYS B 158 -3.73 6.59 9.59
C CYS B 158 -4.15 6.63 8.14
N ASP B 159 -3.37 7.32 7.31
CA ASP B 159 -3.73 7.53 5.92
C ASP B 159 -3.31 6.37 5.03
N GLU B 160 -4.04 6.17 3.94
CA GLU B 160 -3.77 5.08 3.00
C GLU B 160 -2.45 5.24 2.28
N THR B 161 -1.93 6.47 2.22
CA THR B 161 -0.66 6.72 1.56
C THR B 161 0.42 7.13 2.55
N TYR B 162 0.30 6.67 3.79
CA TYR B 162 1.31 6.97 4.79
C TYR B 162 2.68 6.52 4.29
N CYS B 163 3.64 7.43 4.34
CA CYS B 163 4.92 7.19 3.71
C CYS B 163 5.92 6.50 4.65
N GLY B 164 5.53 6.31 5.90
CA GLY B 164 6.41 5.69 6.89
C GLY B 164 7.23 6.70 7.64
N SER B 165 8.06 6.23 8.57
CA SER B 165 8.90 7.12 9.38
C SER B 165 10.11 7.61 8.62
N ALA B 166 10.53 6.84 7.62
CA ALA B 166 11.67 7.17 6.78
C ALA B 166 11.61 6.24 5.58
N ALA B 167 12.32 6.57 4.51
CA ALA B 167 12.37 5.66 3.38
C ALA B 167 12.93 4.32 3.85
N GLU B 168 12.31 3.24 3.40
CA GLU B 168 12.74 1.88 3.72
C GLU B 168 12.57 1.52 5.21
N SER B 169 11.66 2.22 5.89
CA SER B 169 11.35 1.92 7.28
C SER B 169 10.64 0.58 7.44
N GLU B 170 10.02 0.10 6.36
CA GLU B 170 9.34 -1.19 6.40
C GLU B 170 10.32 -2.31 6.08
N LYS B 171 10.22 -3.43 6.79
CA LYS B 171 11.10 -4.56 6.52
C LYS B 171 10.98 -5.03 5.07
N GLU B 172 9.77 -5.00 4.53
CA GLU B 172 9.54 -5.55 3.19
C GLU B 172 10.19 -4.70 2.12
N THR B 173 10.07 -3.38 2.24
CA THR B 173 10.67 -2.49 1.24
C THR B 173 12.19 -2.45 1.38
N LYS B 174 12.69 -2.50 2.62
CA LYS B 174 14.13 -2.57 2.83
C LYS B 174 14.68 -3.84 2.20
N ALA B 175 13.94 -4.94 2.34
CA ALA B 175 14.40 -6.22 1.80
C ALA B 175 14.50 -6.16 0.28
N LEU B 176 13.53 -5.53 -0.36
CA LEU B 176 13.51 -5.45 -1.81
C LEU B 176 14.62 -4.51 -2.28
N ALA B 177 14.75 -3.37 -1.61
CA ALA B 177 15.77 -2.40 -1.99
C ALA B 177 17.16 -2.99 -1.78
N ASP B 178 17.33 -3.75 -0.70
CA ASP B 178 18.61 -4.40 -0.44
C ASP B 178 18.96 -5.37 -1.56
N PHE B 179 17.99 -6.15 -2.01
CA PHE B 179 18.26 -7.13 -3.05
C PHE B 179 18.65 -6.45 -4.35
N ILE B 180 17.92 -5.41 -4.73
CA ILE B 180 18.23 -4.71 -5.97
C ILE B 180 19.59 -4.03 -5.89
N ARG B 181 19.89 -3.39 -4.77
CA ARG B 181 21.21 -2.78 -4.61
C ARG B 181 22.32 -3.80 -4.78
N ASN B 182 22.11 -5.01 -4.26
CA ASN B 182 23.14 -6.04 -4.26
C ASN B 182 23.33 -6.68 -5.64
N ASN B 183 22.35 -6.47 -6.51
CA ASN B 183 22.39 -7.09 -7.84
C ASN B 183 22.25 -6.05 -8.94
N LEU B 184 22.62 -4.82 -8.62
CA LEU B 184 22.29 -3.68 -9.48
C LEU B 184 22.88 -3.80 -10.88
N SER B 185 24.12 -4.28 -10.95
CA SER B 185 24.82 -4.34 -12.24
C SER B 185 24.19 -5.36 -13.20
N SER B 186 23.42 -6.29 -12.67
CA SER B 186 22.79 -7.31 -13.50
C SER B 186 21.38 -6.93 -13.93
N ILE B 187 20.67 -6.16 -13.10
CA ILE B 187 19.26 -5.88 -13.37
C ILE B 187 19.10 -4.75 -14.38
N LYS B 188 18.46 -5.07 -15.50
CA LYS B 188 18.35 -4.14 -16.63
C LYS B 188 16.96 -3.55 -16.75
N ALA B 189 15.97 -4.21 -16.17
CA ALA B 189 14.60 -3.70 -16.18
C ALA B 189 13.90 -4.02 -14.87
N TYR B 190 12.97 -3.15 -14.47
CA TYR B 190 12.18 -3.33 -13.26
C TYR B 190 10.71 -3.20 -13.62
N LEU B 191 9.92 -4.20 -13.22
CA LEU B 191 8.50 -4.25 -13.56
C LEU B 191 7.72 -4.50 -12.28
N THR B 192 6.77 -3.63 -11.98
CA THR B 192 6.00 -3.78 -10.75
C THR B 192 4.50 -3.75 -11.06
N ILE B 193 3.80 -4.76 -10.57
CA ILE B 193 2.44 -5.03 -11.01
C ILE B 193 1.41 -4.59 -9.98
N HIS B 194 0.47 -3.74 -10.42
CA HIS B 194 -0.61 -3.22 -9.59
C HIS B 194 -1.94 -3.41 -10.33
N SER B 195 -3.04 -3.09 -9.65
CA SER B 195 -4.31 -2.83 -10.33
C SER B 195 -5.01 -1.73 -9.53
N TYR B 196 -6.02 -1.08 -10.11
CA TYR B 196 -6.48 -1.30 -11.47
C TYR B 196 -6.34 0.02 -12.23
N SER B 197 -6.59 -0.01 -13.54
CA SER B 197 -6.75 1.18 -14.39
C SER B 197 -6.40 0.92 -15.84
N GLN B 198 -5.78 -0.22 -16.10
CA GLN B 198 -5.34 -0.58 -17.45
C GLN B 198 -4.39 0.48 -18.02
N MET B 199 -3.20 0.56 -17.42
CA MET B 199 -2.18 1.52 -17.84
C MET B 199 -0.80 0.91 -17.76
N ILE B 200 0.12 1.43 -18.56
CA ILE B 200 1.54 1.23 -18.32
C ILE B 200 2.17 2.57 -17.97
N LEU B 201 2.73 2.64 -16.75
CA LEU B 201 3.36 3.87 -16.28
C LEU B 201 4.87 3.72 -16.25
N TYR B 202 5.56 4.84 -16.41
CA TYR B 202 7.00 4.90 -16.17
C TYR B 202 7.32 6.22 -15.45
N PRO B 203 8.58 6.42 -15.04
CA PRO B 203 8.90 7.61 -14.23
C PRO B 203 8.58 8.92 -14.95
N TYR B 204 8.30 9.99 -14.19
CA TYR B 204 8.36 9.98 -12.74
C TYR B 204 6.98 10.15 -12.10
N SER B 205 6.87 9.71 -10.84
CA SER B 205 5.67 9.95 -10.05
C SER B 205 5.92 10.92 -8.88
N TYR B 206 7.19 11.07 -8.47
CA TYR B 206 7.48 12.01 -7.40
C TYR B 206 7.72 13.42 -7.91
N ASP B 207 7.76 13.58 -9.23
CA ASP B 207 7.96 14.88 -9.86
C ASP B 207 7.34 14.85 -11.25
N TYR B 208 7.03 16.02 -11.80
CA TYR B 208 6.52 16.09 -13.17
C TYR B 208 7.64 16.18 -14.20
N LYS B 209 8.88 16.20 -13.72
CA LYS B 209 10.04 16.19 -14.60
C LYS B 209 9.99 14.90 -15.43
N LEU B 210 10.56 14.94 -16.63
CA LEU B 210 10.61 13.76 -17.47
C LEU B 210 11.95 13.03 -17.33
N PRO B 211 11.92 11.70 -17.41
CA PRO B 211 13.17 10.93 -17.42
C PRO B 211 13.92 11.21 -18.72
N GLU B 212 15.24 11.06 -18.69
CA GLU B 212 16.05 11.40 -19.85
C GLU B 212 15.71 10.53 -21.06
N ASN B 213 15.28 9.30 -20.83
CA ASN B 213 14.85 8.44 -21.92
C ASN B 213 13.33 8.36 -22.05
N ASN B 214 12.67 9.48 -21.76
CA ASN B 214 11.22 9.58 -21.84
C ASN B 214 10.66 9.12 -23.18
N ALA B 215 11.27 9.56 -24.27
CA ALA B 215 10.77 9.25 -25.60
C ALA B 215 10.84 7.74 -25.85
N GLU B 216 11.95 7.13 -25.47
CA GLU B 216 12.14 5.71 -25.65
C GLU B 216 11.13 4.91 -24.83
N LEU B 217 10.91 5.34 -23.59
CA LEU B 217 9.98 4.64 -22.71
C LEU B 217 8.56 4.80 -23.22
N ASN B 218 8.23 5.99 -23.71
CA ASN B 218 6.90 6.24 -24.24
C ASN B 218 6.61 5.37 -25.46
N ASN B 219 7.59 5.30 -26.36
CA ASN B 219 7.41 4.51 -27.58
C ASN B 219 7.29 3.02 -27.25
N LEU B 220 8.06 2.58 -26.25
CA LEU B 220 8.02 1.18 -25.84
C LEU B 220 6.67 0.86 -25.18
N ALA B 221 6.20 1.75 -24.31
CA ALA B 221 4.90 1.55 -23.67
C ALA B 221 3.81 1.51 -24.72
N LYS B 222 3.91 2.40 -25.71
CA LYS B 222 2.91 2.46 -26.77
C LYS B 222 2.86 1.16 -27.57
N ALA B 223 4.03 0.61 -27.87
CA ALA B 223 4.09 -0.63 -28.64
C ALA B 223 3.56 -1.78 -27.79
N ALA B 224 3.84 -1.73 -26.49
CA ALA B 224 3.44 -2.79 -25.58
C ALA B 224 1.93 -2.84 -25.39
N VAL B 225 1.29 -1.68 -25.27
CA VAL B 225 -0.16 -1.66 -25.11
C VAL B 225 -0.85 -2.09 -26.41
N LYS B 226 -0.22 -1.80 -27.55
CA LYS B 226 -0.75 -2.25 -28.82
C LYS B 226 -0.74 -3.78 -28.88
N GLU B 227 0.39 -4.35 -28.49
CA GLU B 227 0.54 -5.80 -28.45
C GLU B 227 -0.48 -6.43 -27.52
N LEU B 228 -0.70 -5.79 -26.36
CA LEU B 228 -1.64 -6.31 -25.38
C LEU B 228 -3.06 -6.41 -25.95
N ALA B 229 -3.45 -5.40 -26.73
CA ALA B 229 -4.81 -5.31 -27.25
C ALA B 229 -5.13 -6.39 -28.28
N THR B 230 -4.10 -7.02 -28.84
CA THR B 230 -4.31 -7.96 -29.94
C THR B 230 -5.13 -9.18 -29.51
N LEU B 231 -5.09 -9.49 -28.23
CA LEU B 231 -5.66 -10.75 -27.76
C LEU B 231 -7.17 -10.65 -27.52
N TYR B 232 -7.60 -9.60 -26.82
CA TYR B 232 -9.00 -9.44 -26.46
C TYR B 232 -9.50 -8.02 -26.66
N GLY B 233 -8.66 -7.16 -27.22
CA GLY B 233 -9.07 -5.80 -27.52
C GLY B 233 -9.01 -4.86 -26.34
N THR B 234 -8.42 -5.31 -25.23
CA THR B 234 -8.36 -4.50 -24.03
C THR B 234 -7.50 -3.27 -24.27
N LYS B 235 -8.02 -2.11 -23.87
CA LYS B 235 -7.34 -0.84 -24.14
C LYS B 235 -6.60 -0.31 -22.92
N TYR B 236 -5.30 -0.14 -23.08
CA TYR B 236 -4.45 0.46 -22.04
C TYR B 236 -4.01 1.84 -22.50
N THR B 237 -3.88 2.77 -21.55
CA THR B 237 -3.17 4.01 -21.80
C THR B 237 -1.82 3.97 -21.10
N TYR B 238 -1.00 4.99 -21.32
CA TYR B 238 0.38 4.96 -20.84
C TYR B 238 0.99 6.35 -20.73
N GLY B 239 2.05 6.45 -19.93
CA GLY B 239 2.74 7.73 -19.78
C GLY B 239 3.45 7.82 -18.44
N PRO B 240 4.11 8.97 -18.17
CA PRO B 240 4.77 9.19 -16.88
C PRO B 240 3.75 9.14 -15.75
N GLY B 241 4.16 8.59 -14.60
CA GLY B 241 3.22 8.34 -13.53
C GLY B 241 2.45 9.56 -13.02
N ALA B 242 3.15 10.63 -12.73
CA ALA B 242 2.51 11.78 -12.07
C ALA B 242 1.39 12.35 -12.93
N THR B 243 1.66 12.52 -14.21
CA THR B 243 0.70 13.16 -15.11
C THR B 243 -0.38 12.19 -15.57
N THR B 244 -0.06 10.91 -15.61
CA THR B 244 -0.99 9.92 -16.13
C THR B 244 -2.00 9.43 -15.09
N ILE B 245 -1.59 9.42 -13.83
CA ILE B 245 -2.52 9.09 -12.75
C ILE B 245 -2.58 10.20 -11.70
N TYR B 246 -1.57 10.27 -10.84
CA TYR B 246 -1.43 11.37 -9.88
C TYR B 246 -0.02 11.35 -9.30
N PRO B 247 0.40 12.46 -8.70
CA PRO B 247 1.71 12.45 -8.02
C PRO B 247 1.71 11.40 -6.90
N ALA B 248 2.84 10.72 -6.75
CA ALA B 248 2.97 9.68 -5.74
C ALA B 248 4.45 9.43 -5.47
N ALA B 249 5.02 10.18 -4.55
CA ALA B 249 6.43 10.06 -4.22
C ALA B 249 6.69 8.76 -3.47
N GLY B 250 7.93 8.29 -3.54
CA GLY B 250 8.32 7.11 -2.77
C GLY B 250 8.00 5.80 -3.46
N GLY B 251 7.78 5.84 -4.76
CA GLY B 251 7.45 4.63 -5.49
C GLY B 251 8.67 3.82 -5.87
N SER B 252 8.50 2.50 -5.92
CA SER B 252 9.60 1.60 -6.24
C SER B 252 10.07 1.72 -7.69
N ASP B 253 9.17 2.06 -8.60
CA ASP B 253 9.57 2.19 -9.99
C ASP B 253 10.48 3.40 -10.20
N ASP B 254 10.14 4.52 -9.56
CA ASP B 254 11.02 5.69 -9.61
C ASP B 254 12.37 5.40 -8.93
N TRP B 255 12.34 4.70 -7.81
CA TRP B 255 13.58 4.40 -7.10
C TRP B 255 14.51 3.54 -7.95
N ALA B 256 13.95 2.49 -8.55
CA ALA B 256 14.73 1.59 -9.39
C ALA B 256 15.34 2.35 -10.56
N TYR B 257 14.55 3.24 -11.15
CA TYR B 257 15.03 4.06 -12.26
C TYR B 257 16.17 4.96 -11.80
N ASP B 258 16.01 5.57 -10.63
CA ASP B 258 17.03 6.46 -10.09
C ASP B 258 18.32 5.71 -9.74
N GLN B 259 18.21 4.40 -9.56
CA GLN B 259 19.39 3.58 -9.28
C GLN B 259 20.12 3.21 -10.56
N GLY B 260 19.52 3.53 -11.70
CA GLY B 260 20.17 3.29 -12.98
C GLY B 260 19.53 2.23 -13.84
N ILE B 261 18.40 1.68 -13.38
CA ILE B 261 17.67 0.70 -14.17
C ILE B 261 16.77 1.46 -15.14
N LYS B 262 17.16 1.46 -16.42
CA LYS B 262 16.63 2.42 -17.37
C LYS B 262 15.23 2.09 -17.88
N TYR B 263 14.86 0.81 -17.76
CA TYR B 263 13.53 0.38 -18.16
C TYR B 263 12.75 0.01 -16.91
N SER B 264 11.93 0.95 -16.45
CA SER B 264 11.20 0.79 -15.20
C SER B 264 9.73 1.12 -15.45
N PHE B 265 8.86 0.15 -15.19
CA PHE B 265 7.45 0.29 -15.50
C PHE B 265 6.56 -0.20 -14.37
N THR B 266 5.49 0.55 -14.11
CA THR B 266 4.40 0.05 -13.29
C THR B 266 3.24 -0.33 -14.20
N PHE B 267 2.74 -1.55 -14.04
CA PHE B 267 1.55 -1.99 -14.76
C PHE B 267 0.32 -1.85 -13.88
N GLU B 268 -0.75 -1.29 -14.43
CA GLU B 268 -2.05 -1.30 -13.77
C GLU B 268 -2.97 -2.20 -14.58
N LEU B 269 -3.36 -3.34 -14.02
CA LEU B 269 -4.11 -4.33 -14.80
C LEU B 269 -5.60 -4.02 -14.79
N ARG B 270 -6.42 -4.95 -15.28
CA ARG B 270 -7.87 -4.76 -15.35
C ARG B 270 -8.47 -4.50 -13.96
N ASP B 271 -9.62 -3.82 -13.90
CA ASP B 271 -10.26 -3.21 -15.07
C ASP B 271 -10.15 -1.68 -14.99
N LYS B 272 -11.22 -0.98 -15.37
CA LYS B 272 -11.21 0.48 -15.29
C LYS B 272 -12.18 1.00 -14.24
N GLY B 273 -12.68 0.10 -13.39
CA GLY B 273 -13.47 0.54 -12.25
C GLY B 273 -14.78 -0.20 -12.07
N ARG B 274 -15.20 -0.94 -13.08
CA ARG B 274 -16.47 -1.66 -12.99
C ARG B 274 -16.47 -2.59 -11.79
N TYR B 275 -15.40 -3.37 -11.66
CA TYR B 275 -15.23 -4.24 -10.50
C TYR B 275 -14.10 -3.72 -9.63
N GLY B 276 -13.19 -2.97 -10.23
CA GLY B 276 -12.09 -2.39 -9.49
C GLY B 276 -11.17 -3.46 -8.92
N PHE B 277 -10.90 -3.39 -7.63
CA PHE B 277 -10.02 -4.34 -6.97
C PHE B 277 -10.64 -5.72 -6.88
N ILE B 278 -11.97 -5.79 -6.95
CA ILE B 278 -12.67 -7.06 -6.79
C ILE B 278 -12.94 -7.68 -8.16
N LEU B 279 -11.89 -7.81 -8.96
CA LEU B 279 -11.99 -8.38 -10.30
C LEU B 279 -12.40 -9.84 -10.20
N PRO B 280 -13.46 -10.23 -10.93
CA PRO B 280 -13.95 -11.61 -10.87
C PRO B 280 -12.87 -12.61 -11.26
N GLU B 281 -12.85 -13.75 -10.57
CA GLU B 281 -11.90 -14.81 -10.90
C GLU B 281 -12.05 -15.25 -12.34
N SER B 282 -13.24 -15.06 -12.90
CA SER B 282 -13.48 -15.48 -14.28
C SER B 282 -12.66 -14.67 -15.29
N GLN B 283 -12.09 -13.56 -14.85
CA GLN B 283 -11.27 -12.72 -15.72
C GLN B 283 -9.77 -12.92 -15.53
N ILE B 284 -9.37 -13.74 -14.56
CA ILE B 284 -7.95 -13.93 -14.30
C ILE B 284 -7.20 -14.43 -15.53
N GLN B 285 -7.71 -15.48 -16.17
CA GLN B 285 -7.04 -16.06 -17.32
C GLN B 285 -6.81 -15.04 -18.44
N ALA B 286 -7.86 -14.34 -18.84
CA ALA B 286 -7.75 -13.41 -19.96
C ALA B 286 -6.86 -12.23 -19.60
N THR B 287 -6.98 -11.75 -18.37
CA THR B 287 -6.17 -10.63 -17.91
C THR B 287 -4.70 -11.02 -17.95
N CYS B 288 -4.38 -12.20 -17.42
CA CYS B 288 -3.00 -12.63 -17.37
C CYS B 288 -2.43 -12.89 -18.76
N GLU B 289 -3.20 -13.50 -19.64
CA GLU B 289 -2.70 -13.80 -20.97
C GLU B 289 -2.34 -12.55 -21.76
N GLU B 290 -3.19 -11.54 -21.74
CA GLU B 290 -2.92 -10.33 -22.50
C GLU B 290 -1.75 -9.56 -21.86
N THR B 291 -1.66 -9.63 -20.53
CA THR B 291 -0.55 -8.98 -19.82
C THR B 291 0.77 -9.65 -20.18
N MET B 292 0.75 -10.97 -20.31
CA MET B 292 1.94 -11.71 -20.76
C MET B 292 2.50 -11.13 -22.06
N LEU B 293 1.63 -10.76 -22.98
CA LEU B 293 2.10 -10.26 -24.27
C LEU B 293 2.86 -8.96 -24.11
N ALA B 294 2.38 -8.10 -23.21
CA ALA B 294 3.05 -6.83 -22.94
C ALA B 294 4.39 -7.07 -22.24
N ILE B 295 4.40 -7.95 -21.26
CA ILE B 295 5.63 -8.25 -20.52
C ILE B 295 6.69 -8.87 -21.43
N LYS B 296 6.27 -9.79 -22.30
CA LYS B 296 7.20 -10.41 -23.22
C LYS B 296 7.72 -9.40 -24.26
N TYR B 297 6.86 -8.47 -24.67
CA TYR B 297 7.28 -7.45 -25.62
C TYR B 297 8.38 -6.58 -25.02
N VAL B 298 8.17 -6.15 -23.78
CA VAL B 298 9.18 -5.33 -23.09
C VAL B 298 10.46 -6.12 -22.91
N THR B 299 10.33 -7.40 -22.57
CA THR B 299 11.49 -8.25 -22.34
C THR B 299 12.33 -8.39 -23.61
N ASN B 300 11.66 -8.65 -24.73
CA ASN B 300 12.36 -8.79 -26.00
C ASN B 300 13.08 -7.50 -26.35
N TYR B 301 12.45 -6.36 -26.06
CA TYR B 301 13.08 -5.07 -26.33
C TYR B 301 14.33 -4.89 -25.48
N VAL B 302 14.21 -5.19 -24.19
CA VAL B 302 15.34 -5.03 -23.27
C VAL B 302 16.50 -5.91 -23.70
N LEU B 303 16.17 -7.12 -24.15
CA LEU B 303 17.20 -8.08 -24.56
C LEU B 303 18.01 -7.51 -25.72
N GLY B 304 17.34 -6.77 -26.61
CA GLY B 304 18.01 -6.24 -27.78
C GLY B 304 18.64 -4.88 -27.55
N HIS B 305 18.28 -4.23 -26.45
CA HIS B 305 18.78 -2.89 -26.16
C HIS B 305 19.53 -2.83 -24.83
N LEU B 306 20.33 -3.86 -24.57
CA LEU B 306 21.16 -3.88 -23.36
C LEU B 306 22.64 -3.84 -23.71
N THR C 2 -19.03 44.24 5.78
CA THR C 2 -20.21 43.49 5.34
C THR C 2 -19.83 42.05 5.01
N GLY C 3 -20.71 41.13 5.37
CA GLY C 3 -20.43 39.72 5.16
C GLY C 3 -20.30 39.38 3.68
N HIS C 4 -19.37 38.49 3.37
CA HIS C 4 -19.12 38.08 2.00
C HIS C 4 -20.20 37.11 1.53
N SER C 5 -20.60 37.26 0.27
CA SER C 5 -21.48 36.28 -0.37
C SER C 5 -21.04 36.06 -1.82
N TYR C 6 -21.07 34.80 -2.24
CA TYR C 6 -20.71 34.45 -3.62
C TYR C 6 -21.85 34.76 -4.57
N GLU C 7 -23.03 35.01 -4.02
CA GLU C 7 -24.22 35.30 -4.83
C GLU C 7 -24.67 36.75 -4.70
N LYS C 8 -23.81 37.61 -4.17
CA LYS C 8 -24.03 39.04 -4.18
C LYS C 8 -22.75 39.74 -4.59
N TYR C 9 -22.87 41.00 -5.01
CA TYR C 9 -21.67 41.79 -5.29
C TYR C 9 -21.11 42.33 -3.98
N ASN C 10 -19.81 42.14 -3.79
CA ASN C 10 -19.15 42.52 -2.54
C ASN C 10 -18.29 43.75 -2.74
N ASN C 11 -18.30 44.67 -1.78
CA ASN C 11 -17.45 45.85 -1.90
C ASN C 11 -16.00 45.47 -1.62
N TRP C 12 -15.08 46.38 -1.89
CA TRP C 12 -13.67 46.02 -1.82
C TRP C 12 -13.24 45.58 -0.43
N GLU C 13 -13.70 46.28 0.61
CA GLU C 13 -13.33 45.90 1.97
C GLU C 13 -13.69 44.44 2.21
N THR C 14 -14.86 44.04 1.71
CA THR C 14 -15.31 42.66 1.85
C THR C 14 -14.49 41.68 1.02
N ILE C 15 -14.18 42.03 -0.22
CA ILE C 15 -13.36 41.17 -1.05
C ILE C 15 -11.96 41.02 -0.46
N GLU C 16 -11.40 42.12 0.01
CA GLU C 16 -10.09 42.10 0.65
C GLU C 16 -10.09 41.16 1.85
N ALA C 17 -11.07 41.33 2.74
CA ALA C 17 -11.17 40.44 3.89
C ALA C 17 -11.34 39.00 3.44
N TRP C 18 -12.08 38.79 2.36
CA TRP C 18 -12.27 37.45 1.82
C TRP C 18 -10.95 36.85 1.34
N THR C 19 -10.10 37.64 0.69
CA THR C 19 -8.84 37.10 0.18
C THR C 19 -8.00 36.59 1.34
N LYS C 20 -8.09 37.27 2.48
CA LYS C 20 -7.34 36.86 3.66
C LYS C 20 -7.95 35.60 4.26
N GLN C 21 -9.27 35.57 4.35
CA GLN C 21 -9.97 34.48 5.01
C GLN C 21 -9.91 33.18 4.22
N VAL C 22 -10.11 33.27 2.91
CA VAL C 22 -10.16 32.05 2.10
C VAL C 22 -8.76 31.45 2.00
N THR C 23 -7.74 32.31 2.13
CA THR C 23 -6.37 31.83 2.18
C THR C 23 -6.10 31.12 3.50
N SER C 24 -6.52 31.75 4.59
CA SER C 24 -6.33 31.17 5.92
C SER C 24 -7.05 29.82 6.05
N GLU C 25 -8.20 29.71 5.40
CA GLU C 25 -9.02 28.50 5.49
C GLU C 25 -8.49 27.36 4.63
N ASN C 26 -7.65 27.70 3.65
CA ASN C 26 -7.14 26.71 2.72
C ASN C 26 -5.64 26.82 2.53
N PRO C 27 -4.87 26.61 3.61
CA PRO C 27 -3.41 26.80 3.59
C PRO C 27 -2.67 25.89 2.63
N ASP C 28 -3.28 24.74 2.30
CA ASP C 28 -2.63 23.77 1.42
C ASP C 28 -3.10 23.90 -0.02
N LEU C 29 -3.84 24.95 -0.32
CA LEU C 29 -4.31 25.16 -1.69
C LEU C 29 -4.18 26.62 -2.14
N ILE C 30 -4.11 27.54 -1.19
CA ILE C 30 -4.10 28.96 -1.52
C ILE C 30 -3.03 29.72 -0.75
N SER C 31 -2.27 30.55 -1.45
CA SER C 31 -1.44 31.56 -0.79
C SER C 31 -1.73 32.93 -1.40
N ARG C 32 -1.53 33.98 -0.62
CA ARG C 32 -1.84 35.32 -1.07
C ARG C 32 -0.62 36.23 -1.05
N THR C 33 -0.46 37.01 -2.11
CA THR C 33 0.56 38.05 -2.15
C THR C 33 -0.04 39.35 -2.67
N ALA C 34 0.73 40.42 -2.61
CA ALA C 34 0.35 41.66 -3.27
C ALA C 34 1.41 41.96 -4.34
N ILE C 35 0.96 42.30 -5.54
CA ILE C 35 1.89 42.51 -6.65
C ILE C 35 2.24 43.98 -6.81
N GLY C 36 1.67 44.82 -5.95
CA GLY C 36 1.90 46.25 -6.05
C GLY C 36 0.79 47.00 -5.36
N THR C 37 0.76 48.32 -5.53
CA THR C 37 -0.30 49.14 -4.98
C THR C 37 -0.95 50.00 -6.06
N THR C 38 -2.15 50.48 -5.77
CA THR C 38 -2.88 51.32 -6.71
C THR C 38 -2.49 52.79 -6.54
N PHE C 39 -3.03 53.65 -7.41
CA PHE C 39 -2.78 55.07 -7.32
C PHE C 39 -3.09 55.60 -5.93
N LEU C 40 -4.18 55.11 -5.34
CA LEU C 40 -4.60 55.58 -4.01
C LEU C 40 -3.96 54.77 -2.88
N GLY C 41 -3.12 53.81 -3.23
CA GLY C 41 -2.32 53.12 -2.24
C GLY C 41 -2.92 51.84 -1.68
N ASN C 42 -3.89 51.26 -2.39
CA ASN C 42 -4.47 49.99 -1.97
C ASN C 42 -3.63 48.82 -2.47
N ASN C 43 -3.56 47.75 -1.68
CA ASN C 43 -2.79 46.57 -2.08
C ASN C 43 -3.49 45.77 -3.17
N ILE C 44 -2.77 45.46 -4.24
CA ILE C 44 -3.33 44.66 -5.32
C ILE C 44 -3.06 43.18 -5.05
N TYR C 45 -4.02 42.51 -4.43
CA TYR C 45 -3.82 41.15 -3.99
C TYR C 45 -3.93 40.13 -5.12
N LEU C 46 -3.15 39.07 -4.98
CA LEU C 46 -3.12 37.98 -5.96
C LEU C 46 -3.20 36.66 -5.19
N LEU C 47 -4.09 35.78 -5.61
CA LEU C 47 -4.18 34.46 -5.01
C LEU C 47 -3.51 33.43 -5.91
N LYS C 48 -2.68 32.58 -5.31
CA LYS C 48 -2.11 31.46 -6.03
C LYS C 48 -2.82 30.19 -5.59
N VAL C 49 -3.63 29.65 -6.49
CA VAL C 49 -4.46 28.49 -6.18
C VAL C 49 -3.83 27.23 -6.78
N GLY C 50 -3.52 26.27 -5.92
CA GLY C 50 -2.96 25.03 -6.40
C GLY C 50 -2.26 24.26 -5.30
N LYS C 51 -1.99 22.98 -5.54
CA LYS C 51 -1.27 22.16 -4.59
C LYS C 51 0.21 22.52 -4.70
N PRO C 52 0.78 23.06 -3.61
CA PRO C 52 2.16 23.56 -3.67
C PRO C 52 3.14 22.49 -4.15
N GLY C 53 3.99 22.86 -5.10
CA GLY C 53 4.93 21.91 -5.67
C GLY C 53 6.10 22.58 -6.37
N PRO C 54 7.10 21.79 -6.77
CA PRO C 54 8.32 22.30 -7.42
C PRO C 54 8.08 22.80 -8.85
N ASN C 55 8.50 24.02 -9.11
CA ASN C 55 8.47 24.62 -10.45
C ASN C 55 7.34 24.11 -11.34
N LYS C 56 6.11 24.51 -11.03
CA LYS C 56 4.96 24.13 -11.84
C LYS C 56 4.51 25.26 -12.74
N PRO C 57 3.94 24.91 -13.90
CA PRO C 57 3.35 25.89 -14.83
C PRO C 57 2.12 26.53 -14.19
N ALA C 58 1.63 27.60 -14.80
CA ALA C 58 0.49 28.32 -14.26
C ALA C 58 -0.44 28.85 -15.35
N ILE C 59 -1.69 29.03 -14.99
CA ILE C 59 -2.60 29.85 -15.77
C ILE C 59 -2.88 31.10 -14.96
N PHE C 60 -2.90 32.25 -15.63
CA PHE C 60 -3.14 33.51 -14.94
C PHE C 60 -4.49 34.07 -15.36
N MET C 61 -5.32 34.42 -14.37
CA MET C 61 -6.62 35.04 -14.65
C MET C 61 -6.80 36.27 -13.80
N ASP C 62 -7.21 37.37 -14.42
CA ASP C 62 -7.60 38.55 -13.65
C ASP C 62 -9.04 38.95 -13.89
N CYS C 63 -9.60 39.66 -12.92
CA CYS C 63 -10.93 40.24 -13.03
C CYS C 63 -10.84 41.71 -12.63
N GLY C 64 -11.88 42.47 -12.94
CA GLY C 64 -11.96 43.83 -12.43
C GLY C 64 -11.02 44.83 -13.05
N PHE C 65 -10.59 44.60 -14.29
CA PHE C 65 -9.89 45.64 -15.05
C PHE C 65 -10.75 46.90 -15.05
N HIS C 66 -12.04 46.71 -15.32
CA HIS C 66 -12.96 47.84 -15.48
C HIS C 66 -13.96 47.87 -14.33
N ALA C 67 -14.04 49.03 -13.69
CA ALA C 67 -14.66 49.14 -12.37
C ALA C 67 -16.13 48.72 -12.37
N ARG C 68 -16.87 49.13 -13.41
CA ARG C 68 -18.32 48.93 -13.43
C ARG C 68 -18.75 47.53 -13.82
N GLU C 69 -17.80 46.70 -14.24
CA GLU C 69 -18.14 45.35 -14.72
C GLU C 69 -18.19 44.36 -13.56
N TRP C 70 -19.16 44.55 -12.68
CA TRP C 70 -19.18 43.87 -11.39
C TRP C 70 -19.24 42.35 -11.46
N ILE C 71 -19.85 41.81 -12.51
CA ILE C 71 -19.95 40.36 -12.65
C ILE C 71 -18.56 39.76 -12.86
N SER C 72 -17.63 40.56 -13.38
CA SER C 72 -16.24 40.13 -13.52
C SER C 72 -15.63 39.81 -12.16
N HIS C 73 -15.66 40.78 -11.24
CA HIS C 73 -15.10 40.58 -9.92
C HIS C 73 -15.76 39.38 -9.26
N ALA C 74 -17.08 39.25 -9.44
CA ALA C 74 -17.81 38.15 -8.84
C ALA C 74 -17.30 36.81 -9.33
N PHE C 75 -16.94 36.73 -10.61
CA PHE C 75 -16.50 35.45 -11.14
C PHE C 75 -15.18 34.95 -10.57
N CYS C 76 -14.21 35.84 -10.40
CA CYS C 76 -12.93 35.40 -9.83
C CYS C 76 -13.15 34.79 -8.45
N GLN C 77 -14.05 35.38 -7.67
CA GLN C 77 -14.35 34.83 -6.36
C GLN C 77 -15.02 33.47 -6.49
N TRP C 78 -15.96 33.36 -7.41
CA TRP C 78 -16.65 32.10 -7.63
C TRP C 78 -15.67 31.00 -8.01
N PHE C 79 -14.72 31.33 -8.88
CA PHE C 79 -13.74 30.34 -9.35
C PHE C 79 -12.94 29.77 -8.19
N VAL C 80 -12.49 30.63 -7.29
CA VAL C 80 -11.72 30.17 -6.14
C VAL C 80 -12.54 29.21 -5.28
N ARG C 81 -13.81 29.53 -5.04
CA ARG C 81 -14.63 28.65 -4.21
C ARG C 81 -14.84 27.30 -4.88
N GLU C 82 -14.97 27.30 -6.21
CA GLU C 82 -15.16 26.04 -6.92
C GLU C 82 -13.90 25.20 -6.83
N ALA C 83 -12.74 25.86 -6.83
CA ALA C 83 -11.47 25.16 -6.69
C ALA C 83 -11.44 24.40 -5.36
N VAL C 84 -11.87 25.06 -4.28
CA VAL C 84 -11.84 24.44 -2.96
C VAL C 84 -12.95 23.41 -2.76
N LEU C 85 -14.08 23.60 -3.44
CA LEU C 85 -15.19 22.67 -3.33
C LEU C 85 -14.94 21.37 -4.10
N THR C 86 -14.06 21.43 -5.10
CA THR C 86 -13.92 20.29 -6.00
C THR C 86 -12.54 19.65 -6.04
N TYR C 87 -11.51 20.34 -5.55
CA TYR C 87 -10.20 19.71 -5.51
C TYR C 87 -10.21 18.53 -4.56
N GLY C 88 -9.68 17.40 -5.03
CA GLY C 88 -9.67 16.20 -4.23
C GLY C 88 -10.94 15.38 -4.36
N TYR C 89 -11.89 15.88 -5.14
CA TYR C 89 -13.14 15.15 -5.40
C TYR C 89 -13.33 14.84 -6.87
N GLU C 90 -13.20 15.86 -7.71
CA GLU C 90 -13.40 15.72 -9.15
C GLU C 90 -12.06 15.47 -9.83
N SER C 91 -12.05 14.60 -10.84
CA SER C 91 -10.82 14.24 -11.53
C SER C 91 -10.11 15.44 -12.15
N HIS C 92 -10.86 16.29 -12.85
CA HIS C 92 -10.24 17.38 -13.58
C HIS C 92 -9.62 18.44 -12.69
N MET C 93 -10.40 19.00 -11.76
CA MET C 93 -9.86 20.06 -10.92
C MET C 93 -8.68 19.55 -10.11
N THR C 94 -8.75 18.28 -9.72
CA THR C 94 -7.65 17.70 -8.94
C THR C 94 -6.39 17.61 -9.79
N GLU C 95 -6.52 17.10 -11.00
CA GLU C 95 -5.41 17.06 -11.94
C GLU C 95 -4.89 18.47 -12.22
N PHE C 96 -5.81 19.42 -12.41
CA PHE C 96 -5.43 20.79 -12.72
C PHE C 96 -4.49 21.36 -11.67
N LEU C 97 -4.89 21.29 -10.41
CA LEU C 97 -4.19 21.99 -9.34
C LEU C 97 -2.98 21.21 -8.82
N ASN C 98 -2.90 19.94 -9.20
CA ASN C 98 -1.70 19.16 -8.87
C ASN C 98 -0.54 19.55 -9.77
N LYS C 99 -0.81 19.73 -11.05
CA LYS C 99 0.24 20.00 -12.02
C LYS C 99 0.51 21.50 -12.21
N LEU C 100 -0.54 22.31 -12.16
CA LEU C 100 -0.37 23.73 -12.38
C LEU C 100 -0.92 24.58 -11.25
N ASP C 101 -0.51 25.84 -11.23
CA ASP C 101 -1.11 26.83 -10.34
C ASP C 101 -2.07 27.67 -11.15
N PHE C 102 -3.12 28.14 -10.49
CA PHE C 102 -4.01 29.12 -11.09
C PHE C 102 -3.79 30.43 -10.33
N TYR C 103 -3.23 31.42 -11.01
CA TYR C 103 -3.11 32.75 -10.42
C TYR C 103 -4.41 33.48 -10.64
N VAL C 104 -5.03 33.93 -9.54
CA VAL C 104 -6.29 34.64 -9.62
C VAL C 104 -6.12 36.03 -9.02
N LEU C 105 -6.25 37.05 -9.85
CA LEU C 105 -6.18 38.43 -9.38
C LEU C 105 -7.61 38.95 -9.34
N PRO C 106 -8.22 38.98 -8.15
CA PRO C 106 -9.67 39.22 -8.02
C PRO C 106 -10.11 40.57 -8.57
N VAL C 107 -9.35 41.60 -8.26
CA VAL C 107 -9.65 42.97 -8.69
C VAL C 107 -8.37 43.72 -9.00
N LEU C 108 -8.15 44.04 -10.28
CA LEU C 108 -6.99 44.84 -10.64
C LEU C 108 -7.21 46.30 -10.33
N ASN C 109 -8.31 46.85 -10.80
CA ASN C 109 -8.59 48.28 -10.68
C ASN C 109 -9.40 48.54 -9.42
N ILE C 110 -8.73 48.43 -8.27
CA ILE C 110 -9.38 48.53 -6.97
C ILE C 110 -9.93 49.93 -6.72
N ASP C 111 -9.16 50.96 -7.07
CA ASP C 111 -9.58 52.33 -6.84
C ASP C 111 -10.88 52.61 -7.59
N GLY C 112 -10.94 52.16 -8.82
CA GLY C 112 -12.13 52.37 -9.63
C GLY C 112 -13.32 51.61 -9.05
N TYR C 113 -13.07 50.40 -8.59
CA TYR C 113 -14.14 49.57 -8.04
C TYR C 113 -14.73 50.24 -6.81
N ILE C 114 -13.87 50.71 -5.91
CA ILE C 114 -14.34 51.45 -4.74
C ILE C 114 -15.20 52.63 -5.18
N TYR C 115 -14.79 53.29 -6.26
CA TYR C 115 -15.51 54.47 -6.73
C TYR C 115 -16.91 54.12 -7.24
N THR C 116 -17.07 52.92 -7.82
CA THR C 116 -18.39 52.52 -8.31
C THR C 116 -19.34 52.20 -7.16
N TRP C 117 -18.78 51.90 -5.99
CA TRP C 117 -19.58 51.64 -4.79
C TRP C 117 -19.91 52.91 -4.02
N THR C 118 -19.00 53.88 -4.02
CA THR C 118 -19.16 55.08 -3.21
C THR C 118 -19.78 56.24 -3.96
N LYS C 119 -19.56 56.30 -5.28
CA LYS C 119 -19.92 57.48 -6.06
C LYS C 119 -20.60 57.15 -7.38
N ASN C 120 -19.83 56.64 -8.33
CA ASN C 120 -20.29 56.56 -9.72
C ASN C 120 -20.32 55.12 -10.21
N ARG C 121 -21.50 54.53 -10.23
CA ARG C 121 -21.66 53.11 -10.58
C ARG C 121 -21.11 52.80 -11.98
N MET C 122 -21.02 53.82 -12.83
CA MET C 122 -20.59 53.60 -14.21
C MET C 122 -19.14 53.95 -14.48
N TRP C 123 -18.34 54.10 -13.42
CA TRP C 123 -16.93 54.38 -13.60
C TRP C 123 -16.23 53.18 -14.23
N ARG C 124 -15.25 53.46 -15.10
CA ARG C 124 -14.57 52.43 -15.88
C ARG C 124 -13.07 52.43 -15.63
N LYS C 125 -12.48 53.62 -15.67
CA LYS C 125 -11.03 53.79 -15.68
C LYS C 125 -10.40 53.66 -14.30
N THR C 126 -9.08 53.85 -14.23
CA THR C 126 -8.41 54.01 -12.94
C THR C 126 -8.82 55.36 -12.36
N ARG C 127 -8.24 55.72 -11.22
CA ARG C 127 -8.59 56.98 -10.57
C ARG C 127 -7.40 57.92 -10.42
N SER C 128 -6.38 57.74 -11.27
CA SER C 128 -5.18 58.57 -11.19
C SER C 128 -5.40 59.94 -11.81
N THR C 129 -4.56 60.89 -11.41
CA THR C 129 -4.62 62.24 -11.94
C THR C 129 -3.92 62.33 -13.29
N ASN C 130 -4.37 63.29 -14.11
CA ASN C 130 -3.78 63.52 -15.42
C ASN C 130 -3.23 64.93 -15.50
N ALA C 131 -1.99 65.04 -16.00
CA ALA C 131 -1.29 66.32 -15.99
C ALA C 131 -2.05 67.38 -16.78
N GLY C 132 -2.37 68.49 -16.13
CA GLY C 132 -2.94 69.62 -16.83
C GLY C 132 -4.42 69.49 -17.17
N THR C 133 -5.14 68.63 -16.47
CA THR C 133 -6.58 68.52 -16.67
C THR C 133 -7.26 68.04 -15.41
N THR C 134 -8.54 68.41 -15.24
CA THR C 134 -9.31 67.94 -14.11
C THR C 134 -9.84 66.52 -14.35
N CYS C 135 -9.74 66.05 -15.58
CA CYS C 135 -10.26 64.72 -15.90
C CYS C 135 -9.40 63.62 -15.28
N ILE C 136 -10.08 62.63 -14.70
CA ILE C 136 -9.43 61.57 -13.94
C ILE C 136 -9.38 60.25 -14.72
N GLY C 137 -8.25 59.58 -14.64
CA GLY C 137 -8.23 58.16 -14.95
C GLY C 137 -7.76 57.78 -16.34
N THR C 138 -7.20 56.58 -16.42
CA THR C 138 -6.74 55.98 -17.67
C THR C 138 -7.46 54.66 -17.84
N ASP C 139 -7.74 54.28 -19.08
CA ASP C 139 -8.35 52.99 -19.36
C ASP C 139 -7.27 51.91 -19.25
N PRO C 140 -7.34 51.06 -18.22
CA PRO C 140 -6.26 50.09 -18.06
C PRO C 140 -6.11 49.15 -19.25
N ASN C 141 -7.22 48.88 -19.95
CA ASN C 141 -7.12 47.97 -21.07
C ASN C 141 -6.84 48.69 -22.39
N ARG C 142 -6.33 49.91 -22.29
CA ARG C 142 -5.67 50.57 -23.41
C ARG C 142 -4.25 50.98 -23.02
N ASN C 143 -3.77 50.47 -21.90
CA ASN C 143 -2.54 50.99 -21.29
C ASN C 143 -1.37 50.02 -21.39
N PHE C 144 -1.56 48.91 -22.10
CA PHE C 144 -0.49 47.94 -22.28
C PHE C 144 0.30 48.15 -23.57
N ASP C 145 1.53 47.65 -23.59
CA ASP C 145 2.44 47.89 -24.69
C ASP C 145 2.17 46.93 -25.84
N ALA C 146 0.98 47.04 -26.42
CA ALA C 146 0.58 46.23 -27.57
C ALA C 146 -0.06 47.14 -28.61
N GLY C 147 0.71 47.49 -29.64
CA GLY C 147 0.27 48.49 -30.58
C GLY C 147 -0.28 49.71 -29.86
N TRP C 148 0.41 50.11 -28.79
CA TRP C 148 -0.15 51.05 -27.84
C TRP C 148 -0.73 52.32 -28.46
N CYS C 149 -1.99 52.56 -28.14
CA CYS C 149 -2.74 53.76 -28.52
C CYS C 149 -2.89 54.01 -30.03
N THR C 150 -2.66 52.98 -30.85
CA THR C 150 -2.67 53.18 -32.29
C THR C 150 -4.05 53.12 -32.92
N THR C 151 -4.99 52.43 -32.27
CA THR C 151 -6.35 52.35 -32.79
C THR C 151 -7.31 52.00 -31.66
N GLY C 152 -8.54 52.51 -31.76
CA GLY C 152 -9.55 52.17 -30.77
C GLY C 152 -9.25 52.70 -29.38
N ALA C 153 -8.41 53.72 -29.30
CA ALA C 153 -8.09 54.34 -28.02
C ALA C 153 -8.09 55.86 -28.17
N SER C 154 -8.35 56.58 -27.09
CA SER C 154 -8.34 58.03 -27.13
C SER C 154 -7.09 58.61 -26.47
N THR C 155 -6.64 59.75 -26.99
CA THR C 155 -5.53 60.48 -26.40
C THR C 155 -6.03 61.59 -25.48
N ASP C 156 -7.35 61.67 -25.32
CA ASP C 156 -7.98 62.70 -24.48
C ASP C 156 -8.26 62.10 -23.11
N PRO C 157 -7.63 62.65 -22.05
CA PRO C 157 -7.79 62.10 -20.70
C PRO C 157 -9.22 62.12 -20.20
N CYS C 158 -10.07 62.89 -20.86
CA CYS C 158 -11.47 63.01 -20.46
C CYS C 158 -12.36 61.92 -21.05
N ASP C 159 -11.77 61.09 -21.90
CA ASP C 159 -12.51 60.02 -22.56
C ASP C 159 -12.40 58.69 -21.80
N GLU C 160 -13.40 57.84 -21.99
CA GLU C 160 -13.47 56.56 -21.30
C GLU C 160 -12.38 55.57 -21.74
N THR C 161 -11.82 55.80 -22.92
CA THR C 161 -10.79 54.91 -23.45
C THR C 161 -9.41 55.55 -23.53
N TYR C 162 -9.18 56.57 -22.71
CA TYR C 162 -7.90 57.25 -22.67
C TYR C 162 -6.77 56.24 -22.47
N CYS C 163 -5.77 56.30 -23.34
CA CYS C 163 -4.74 55.27 -23.35
C CYS C 163 -3.61 55.56 -22.37
N GLY C 164 -3.65 56.73 -21.75
CA GLY C 164 -2.61 57.10 -20.79
C GLY C 164 -1.48 57.89 -21.42
N SER C 165 -0.56 58.35 -20.58
CA SER C 165 0.56 59.16 -21.03
C SER C 165 1.62 58.32 -21.71
N ALA C 166 1.64 57.03 -21.37
CA ALA C 166 2.57 56.07 -21.98
C ALA C 166 2.09 54.69 -21.57
N ALA C 167 2.52 53.66 -22.29
CA ALA C 167 2.18 52.30 -21.88
C ALA C 167 2.68 52.08 -20.46
N GLU C 168 1.85 51.44 -19.64
CA GLU C 168 2.18 51.13 -18.25
C GLU C 168 2.41 52.37 -17.41
N SER C 169 1.77 53.48 -17.78
CA SER C 169 1.83 54.70 -16.98
C SER C 169 1.12 54.54 -15.64
N GLU C 170 0.15 53.62 -15.60
CA GLU C 170 -0.60 53.38 -14.37
C GLU C 170 0.11 52.38 -13.47
N LYS C 171 0.11 52.63 -12.17
CA LYS C 171 0.73 51.70 -11.22
C LYS C 171 0.13 50.30 -11.38
N GLU C 172 -1.18 50.24 -11.61
CA GLU C 172 -1.87 48.96 -11.62
C GLU C 172 -1.44 48.11 -12.80
N THR C 173 -1.33 48.73 -13.98
CA THR C 173 -0.98 47.99 -15.18
C THR C 173 0.51 47.68 -15.20
N LYS C 174 1.32 48.61 -14.69
CA LYS C 174 2.75 48.35 -14.55
C LYS C 174 2.96 47.17 -13.60
N ALA C 175 2.21 47.13 -12.51
CA ALA C 175 2.34 46.03 -11.56
C ALA C 175 1.99 44.71 -12.21
N LEU C 176 0.91 44.69 -13.00
CA LEU C 176 0.49 43.46 -13.65
C LEU C 176 1.48 43.03 -14.73
N ALA C 177 1.93 43.99 -15.54
CA ALA C 177 2.90 43.71 -16.58
C ALA C 177 4.22 43.22 -15.96
N ASP C 178 4.64 43.87 -14.88
CA ASP C 178 5.86 43.46 -14.19
C ASP C 178 5.71 42.02 -13.70
N PHE C 179 4.57 41.71 -13.09
CA PHE C 179 4.39 40.38 -12.54
C PHE C 179 4.42 39.32 -13.63
N ILE C 180 3.74 39.58 -14.74
CA ILE C 180 3.70 38.59 -15.81
C ILE C 180 5.07 38.43 -16.47
N ARG C 181 5.76 39.54 -16.71
CA ARG C 181 7.11 39.49 -17.24
C ARG C 181 8.05 38.72 -16.33
N ASN C 182 7.87 38.90 -15.02
CA ASN C 182 8.74 38.24 -14.04
C ASN C 182 8.37 36.77 -13.86
N ASN C 183 7.23 36.37 -14.41
CA ASN C 183 6.76 35.02 -14.22
C ASN C 183 6.40 34.30 -15.53
N LEU C 184 7.04 34.73 -16.62
CA LEU C 184 6.87 34.02 -17.89
C LEU C 184 7.39 32.60 -17.78
N SER C 185 8.18 32.34 -16.74
CA SER C 185 8.69 31.01 -16.50
C SER C 185 7.57 30.01 -16.20
N SER C 186 6.44 30.51 -15.70
CA SER C 186 5.33 29.64 -15.35
C SER C 186 4.07 29.85 -16.18
N ILE C 187 3.75 31.10 -16.48
CA ILE C 187 2.45 31.43 -17.06
C ILE C 187 2.33 31.01 -18.52
N LYS C 188 1.45 30.03 -18.78
CA LYS C 188 1.28 29.46 -20.12
C LYS C 188 -0.05 29.85 -20.77
N ALA C 189 -0.95 30.43 -19.98
CA ALA C 189 -2.19 30.96 -20.52
C ALA C 189 -2.63 32.18 -19.74
N TYR C 190 -3.27 33.11 -20.43
CA TYR C 190 -3.73 34.35 -19.81
C TYR C 190 -5.22 34.53 -20.08
N LEU C 191 -5.99 34.70 -19.01
CA LEU C 191 -7.43 34.87 -19.13
C LEU C 191 -7.84 36.14 -18.41
N THR C 192 -8.52 37.04 -19.12
CA THR C 192 -8.91 38.29 -18.50
C THR C 192 -10.42 38.49 -18.65
N ILE C 193 -11.08 38.77 -17.53
CA ILE C 193 -12.53 38.69 -17.47
C ILE C 193 -13.17 40.08 -17.48
N HIS C 194 -14.05 40.31 -18.47
CA HIS C 194 -14.78 41.56 -18.61
C HIS C 194 -16.29 41.26 -18.74
N SER C 195 -17.09 42.31 -18.85
CA SER C 195 -18.47 42.19 -19.32
C SER C 195 -18.81 43.53 -19.97
N TYR C 196 -19.88 43.59 -20.78
CA TYR C 196 -20.74 42.47 -21.13
C TYR C 196 -20.65 42.25 -22.64
N SER C 197 -21.27 41.17 -23.11
CA SER C 197 -21.47 40.91 -24.55
C SER C 197 -21.56 39.42 -24.86
N GLN C 198 -21.19 38.59 -23.90
CA GLN C 198 -21.21 37.13 -24.09
C GLN C 198 -20.34 36.71 -25.27
N MET C 199 -19.03 36.90 -25.09
CA MET C 199 -18.05 36.57 -26.11
C MET C 199 -16.80 35.96 -25.49
N ILE C 200 -16.12 35.12 -26.26
CA ILE C 200 -14.73 34.79 -25.98
C ILE C 200 -13.90 35.40 -27.11
N LEU C 201 -12.97 36.28 -26.74
CA LEU C 201 -12.11 36.94 -27.73
C LEU C 201 -10.68 36.42 -27.61
N TYR C 202 -9.99 36.31 -28.74
CA TYR C 202 -8.55 36.10 -28.73
C TYR C 202 -7.89 37.15 -29.62
N PRO C 203 -6.55 37.20 -29.64
CA PRO C 203 -5.85 38.24 -30.42
C PRO C 203 -6.19 38.21 -31.91
N TYR C 204 -6.11 39.34 -32.59
CA TYR C 204 -5.65 40.60 -32.02
C TYR C 204 -6.75 41.64 -31.95
N SER C 205 -6.57 42.63 -31.07
CA SER C 205 -7.45 43.78 -31.00
C SER C 205 -6.77 45.06 -31.50
N TYR C 206 -5.44 45.09 -31.48
CA TYR C 206 -4.74 46.29 -31.94
C TYR C 206 -4.51 46.30 -33.45
N ASP C 207 -4.81 45.18 -34.10
CA ASP C 207 -4.66 45.06 -35.55
C ASP C 207 -5.57 43.95 -36.06
N TYR C 208 -5.93 44.01 -37.34
CA TYR C 208 -6.80 43.00 -37.94
C TYR C 208 -6.03 41.73 -38.34
N LYS C 209 -4.71 41.76 -38.21
CA LYS C 209 -3.90 40.59 -38.49
C LYS C 209 -4.28 39.46 -37.53
N LEU C 210 -4.12 38.23 -37.97
CA LEU C 210 -4.47 37.07 -37.14
C LEU C 210 -3.23 36.51 -36.45
N PRO C 211 -3.40 36.00 -35.22
CA PRO C 211 -2.32 35.30 -34.53
C PRO C 211 -1.95 34.03 -35.29
N GLU C 212 -0.71 33.60 -35.18
CA GLU C 212 -0.24 32.46 -35.94
C GLU C 212 -1.02 31.18 -35.65
N ASN C 213 -1.45 31.00 -34.40
CA ASN C 213 -2.23 29.82 -34.05
C ASN C 213 -3.73 30.11 -34.02
N ASN C 214 -4.20 30.92 -34.95
CA ASN C 214 -5.60 31.35 -34.96
C ASN C 214 -6.58 30.19 -35.13
N ALA C 215 -6.21 29.16 -35.90
CA ALA C 215 -7.08 28.01 -36.06
C ALA C 215 -7.25 27.30 -34.72
N GLU C 216 -6.14 27.16 -34.00
CA GLU C 216 -6.16 26.51 -32.70
C GLU C 216 -7.02 27.30 -31.72
N LEU C 217 -6.85 28.62 -31.71
CA LEU C 217 -7.57 29.46 -30.77
C LEU C 217 -9.05 29.48 -31.10
N ASN C 218 -9.36 29.51 -32.40
CA ASN C 218 -10.76 29.54 -32.82
C ASN C 218 -11.47 28.24 -32.47
N ASN C 219 -10.79 27.12 -32.67
CA ASN C 219 -11.36 25.81 -32.34
C ASN C 219 -11.56 25.68 -30.84
N LEU C 220 -10.61 26.20 -30.08
CA LEU C 220 -10.70 26.15 -28.63
C LEU C 220 -11.88 26.98 -28.12
N ALA C 221 -12.01 28.21 -28.64
CA ALA C 221 -13.12 29.07 -28.25
C ALA C 221 -14.44 28.44 -28.66
N LYS C 222 -14.46 27.84 -29.85
CA LYS C 222 -15.65 27.19 -30.36
C LYS C 222 -16.14 26.12 -29.39
N ALA C 223 -15.22 25.28 -28.93
CA ALA C 223 -15.57 24.19 -28.02
C ALA C 223 -15.94 24.73 -26.66
N ALA C 224 -15.27 25.80 -26.23
CA ALA C 224 -15.52 26.38 -24.93
C ALA C 224 -16.92 27.01 -24.84
N VAL C 225 -17.36 27.67 -25.91
CA VAL C 225 -18.68 28.29 -25.87
C VAL C 225 -19.77 27.23 -25.97
N LYS C 226 -19.47 26.11 -26.62
CA LYS C 226 -20.39 24.97 -26.64
C LYS C 226 -20.57 24.43 -25.22
N GLU C 227 -19.46 24.25 -24.51
CA GLU C 227 -19.52 23.77 -23.14
C GLU C 227 -20.35 24.72 -22.26
N LEU C 228 -20.14 26.02 -22.44
CA LEU C 228 -20.82 27.02 -21.62
C LEU C 228 -22.33 26.94 -21.81
N ALA C 229 -22.76 26.71 -23.04
CA ALA C 229 -24.17 26.71 -23.37
C ALA C 229 -24.94 25.51 -22.78
N THR C 230 -24.21 24.48 -22.36
CA THR C 230 -24.88 23.25 -21.92
C THR C 230 -25.69 23.43 -20.63
N LEU C 231 -25.36 24.45 -19.84
CA LEU C 231 -26.02 24.64 -18.55
C LEU C 231 -27.36 25.35 -18.67
N TYR C 232 -27.35 26.55 -19.26
CA TYR C 232 -28.52 27.40 -19.27
C TYR C 232 -28.89 27.86 -20.68
N GLY C 233 -28.13 27.37 -21.67
CA GLY C 233 -28.43 27.70 -23.05
C GLY C 233 -27.93 29.06 -23.49
N THR C 234 -27.06 29.67 -22.68
CA THR C 234 -26.54 31.00 -22.99
C THR C 234 -25.63 30.98 -24.21
N LYS C 235 -25.91 31.87 -25.16
CA LYS C 235 -25.20 31.90 -26.43
C LYS C 235 -24.04 32.89 -26.42
N TYR C 236 -22.83 32.38 -26.62
CA TYR C 236 -21.63 33.19 -26.77
C TYR C 236 -21.15 33.17 -28.21
N THR C 237 -20.64 34.30 -28.69
CA THR C 237 -19.89 34.31 -29.93
C THR C 237 -18.40 34.44 -29.63
N TYR C 238 -17.57 34.34 -30.66
CA TYR C 238 -16.13 34.29 -30.45
C TYR C 238 -15.34 34.63 -31.70
N GLY C 239 -14.09 35.04 -31.51
CA GLY C 239 -13.22 35.35 -32.62
C GLY C 239 -12.15 36.34 -32.23
N PRO C 240 -11.35 36.82 -33.19
CA PRO C 240 -10.34 37.85 -32.96
C PRO C 240 -10.99 39.13 -32.45
N GLY C 241 -10.35 39.78 -31.48
CA GLY C 241 -10.97 40.93 -30.85
C GLY C 241 -11.43 42.02 -31.79
N ALA C 242 -10.59 42.38 -32.75
CA ALA C 242 -10.83 43.58 -33.55
C ALA C 242 -12.07 43.45 -34.43
N THR C 243 -12.27 42.26 -35.01
CA THR C 243 -13.40 42.04 -35.91
C THR C 243 -14.64 41.54 -35.18
N THR C 244 -14.44 41.00 -33.98
CA THR C 244 -15.55 40.41 -33.24
C THR C 244 -16.30 41.44 -32.40
N ILE C 245 -15.59 42.44 -31.88
CA ILE C 245 -16.24 43.55 -31.18
C ILE C 245 -15.87 44.90 -31.79
N TYR C 246 -14.64 45.33 -31.56
CA TYR C 246 -14.10 46.53 -32.19
C TYR C 246 -12.60 46.62 -31.94
N PRO C 247 -11.88 47.37 -32.78
CA PRO C 247 -10.45 47.58 -32.54
C PRO C 247 -10.23 48.24 -31.19
N ALA C 248 -9.19 47.79 -30.48
CA ALA C 248 -8.89 48.32 -29.15
C ALA C 248 -7.44 48.02 -28.81
N ALA C 249 -6.54 48.92 -29.19
CA ALA C 249 -5.12 48.73 -28.99
C ALA C 249 -4.78 48.86 -27.50
N GLY C 250 -3.66 48.28 -27.11
CA GLY C 250 -3.18 48.44 -25.74
C GLY C 250 -3.81 47.49 -24.75
N GLY C 251 -4.39 46.41 -25.25
CA GLY C 251 -5.07 45.46 -24.38
C GLY C 251 -4.12 44.45 -23.75
N SER C 252 -4.47 43.97 -22.56
CA SER C 252 -3.58 43.06 -21.85
C SER C 252 -3.54 41.69 -22.51
N ASP C 253 -4.62 41.28 -23.17
CA ASP C 253 -4.61 39.98 -23.82
C ASP C 253 -3.64 39.94 -25.01
N ASP C 254 -3.63 40.99 -25.82
CA ASP C 254 -2.69 41.07 -26.94
C ASP C 254 -1.26 41.16 -26.46
N TRP C 255 -1.05 41.93 -25.38
CA TRP C 255 0.29 42.10 -24.86
C TRP C 255 0.82 40.78 -24.32
N ALA C 256 -0.01 40.07 -23.56
CA ALA C 256 0.40 38.78 -23.00
C ALA C 256 0.71 37.81 -24.14
N TYR C 257 -0.10 37.85 -25.18
CA TYR C 257 0.11 36.96 -26.33
C TYR C 257 1.47 37.22 -26.96
N ASP C 258 1.82 38.50 -27.09
CA ASP C 258 3.08 38.86 -27.75
C ASP C 258 4.28 38.64 -26.84
N GLN C 259 4.03 38.33 -25.58
CA GLN C 259 5.08 37.86 -24.67
C GLN C 259 5.33 36.36 -24.85
N GLY C 260 4.55 35.73 -25.73
CA GLY C 260 4.74 34.32 -25.99
C GLY C 260 3.73 33.43 -25.29
N ILE C 261 2.77 34.03 -24.58
CA ILE C 261 1.70 33.26 -23.96
C ILE C 261 0.63 32.98 -25.01
N LYS C 262 0.68 31.79 -25.60
CA LYS C 262 -0.01 31.54 -26.85
C LYS C 262 -1.51 31.27 -26.65
N TYR C 263 -1.90 31.05 -25.40
CA TYR C 263 -3.31 30.94 -25.07
C TYR C 263 -3.72 32.15 -24.24
N SER C 264 -4.30 33.13 -24.94
CA SER C 264 -4.68 34.39 -24.32
C SER C 264 -6.10 34.72 -24.74
N PHE C 265 -6.99 34.88 -23.76
CA PHE C 265 -8.40 35.09 -24.04
C PHE C 265 -8.98 36.21 -23.19
N THR C 266 -9.85 37.01 -23.81
CA THR C 266 -10.72 37.91 -23.07
C THR C 266 -12.13 37.32 -23.03
N PHE C 267 -12.69 37.20 -21.83
CA PHE C 267 -14.08 36.80 -21.69
C PHE C 267 -14.97 38.02 -21.49
N GLU C 268 -16.06 38.07 -22.23
CA GLU C 268 -17.10 39.06 -22.01
C GLU C 268 -18.32 38.32 -21.49
N LEU C 269 -18.66 38.51 -20.20
CA LEU C 269 -19.75 37.74 -19.60
C LEU C 269 -21.12 38.35 -19.92
N ARG C 270 -22.16 37.85 -19.26
CA ARG C 270 -23.53 38.32 -19.49
C ARG C 270 -23.65 39.82 -19.18
N ASP C 271 -24.63 40.49 -19.79
CA ASP C 271 -25.51 39.88 -20.77
C ASP C 271 -25.25 40.45 -22.15
N LYS C 272 -26.29 40.70 -22.94
CA LYS C 272 -26.13 41.30 -24.25
C LYS C 272 -26.65 42.72 -24.33
N GLY C 273 -26.94 43.31 -23.17
CA GLY C 273 -27.32 44.71 -23.14
C GLY C 273 -28.62 45.03 -22.44
N ARG C 274 -29.40 44.01 -22.11
CA ARG C 274 -30.66 44.27 -21.41
C ARG C 274 -30.40 44.97 -20.08
N TYR C 275 -29.47 44.42 -19.29
CA TYR C 275 -29.05 45.05 -18.05
C TYR C 275 -27.64 45.63 -18.16
N GLY C 276 -26.86 45.13 -19.12
CA GLY C 276 -25.54 45.69 -19.34
C GLY C 276 -24.60 45.46 -18.17
N PHE C 277 -23.99 46.54 -17.68
CA PHE C 277 -23.05 46.42 -16.56
C PHE C 277 -23.79 46.17 -15.24
N ILE C 278 -25.06 46.53 -15.20
CA ILE C 278 -25.83 46.38 -13.96
C ILE C 278 -26.56 45.05 -13.96
N LEU C 279 -25.80 43.96 -14.06
CA LEU C 279 -26.39 42.63 -14.09
C LEU C 279 -26.99 42.32 -12.73
N PRO C 280 -28.24 41.85 -12.69
CA PRO C 280 -28.91 41.55 -11.42
C PRO C 280 -28.14 40.51 -10.61
N GLU C 281 -28.12 40.68 -9.29
CA GLU C 281 -27.44 39.72 -8.42
C GLU C 281 -28.03 38.32 -8.59
N SER C 282 -29.30 38.26 -8.98
CA SER C 282 -29.98 36.98 -9.15
C SER C 282 -29.45 36.19 -10.34
N GLN C 283 -28.61 36.82 -11.17
CA GLN C 283 -27.99 36.12 -12.28
C GLN C 283 -26.54 35.75 -12.00
N ILE C 284 -26.02 36.14 -10.83
CA ILE C 284 -24.62 35.88 -10.53
C ILE C 284 -24.29 34.39 -10.58
N GLN C 285 -25.07 33.58 -9.87
CA GLN C 285 -24.77 32.16 -9.77
C GLN C 285 -24.77 31.48 -11.14
N ALA C 286 -25.84 31.66 -11.90
CA ALA C 286 -25.94 31.02 -13.21
C ALA C 286 -24.82 31.48 -14.13
N THR C 287 -24.52 32.77 -14.09
CA THR C 287 -23.47 33.33 -14.94
C THR C 287 -22.14 32.69 -14.61
N CYS C 288 -21.84 32.61 -13.32
CA CYS C 288 -20.55 32.06 -12.90
C CYS C 288 -20.47 30.56 -13.18
N GLU C 289 -21.57 29.83 -12.97
CA GLU C 289 -21.57 28.40 -13.20
C GLU C 289 -21.29 28.04 -14.65
N GLU C 290 -21.93 28.74 -15.58
CA GLU C 290 -21.74 28.41 -16.99
C GLU C 290 -20.34 28.84 -17.44
N THR C 291 -19.85 29.96 -16.92
CA THR C 291 -18.52 30.44 -17.27
C THR C 291 -17.46 29.46 -16.80
N MET C 292 -17.67 28.87 -15.62
CA MET C 292 -16.74 27.87 -15.10
C MET C 292 -16.49 26.76 -16.11
N LEU C 293 -17.53 26.36 -16.84
CA LEU C 293 -17.40 25.25 -17.78
C LEU C 293 -16.48 25.61 -18.93
N ALA C 294 -16.56 26.86 -19.40
CA ALA C 294 -15.67 27.32 -20.45
C ALA C 294 -14.23 27.43 -19.95
N ILE C 295 -14.07 27.98 -18.74
CA ILE C 295 -12.74 28.16 -18.16
C ILE C 295 -12.06 26.82 -17.94
N LYS C 296 -12.81 25.84 -17.42
CA LYS C 296 -12.24 24.52 -17.19
C LYS C 296 -11.93 23.81 -18.49
N TYR C 297 -12.72 24.06 -19.54
CA TYR C 297 -12.43 23.43 -20.83
C TYR C 297 -11.11 23.93 -21.38
N VAL C 298 -10.90 25.25 -21.30
CA VAL C 298 -9.65 25.84 -21.75
C VAL C 298 -8.48 25.35 -20.91
N THR C 299 -8.68 25.28 -19.59
CA THR C 299 -7.60 24.84 -18.72
C THR C 299 -7.17 23.42 -19.04
N ASN C 300 -8.14 22.54 -19.30
CA ASN C 300 -7.81 21.15 -19.60
C ASN C 300 -7.01 21.05 -20.90
N TYR C 301 -7.33 21.88 -21.88
CA TYR C 301 -6.58 21.90 -23.13
C TYR C 301 -5.14 22.38 -22.89
N VAL C 302 -5.00 23.50 -22.19
CA VAL C 302 -3.68 24.06 -21.91
C VAL C 302 -2.81 23.06 -21.13
N LEU C 303 -3.43 22.32 -20.23
CA LEU C 303 -2.72 21.35 -19.43
C LEU C 303 -1.96 20.36 -20.32
N GLY C 304 -2.52 20.08 -21.49
CA GLY C 304 -1.89 19.15 -22.40
C GLY C 304 -1.04 19.82 -23.48
N HIS C 305 -0.89 21.13 -23.38
CA HIS C 305 -0.12 21.88 -24.38
C HIS C 305 0.75 22.95 -23.72
N LEU C 306 1.49 22.56 -22.69
CA LEU C 306 2.33 23.48 -21.95
C LEU C 306 3.63 23.77 -22.72
ZN ZN D . 2.17 -30.29 16.99
C27 578 E . 2.15 -27.90 7.73
C28 578 E . 2.76 -28.16 6.48
C29 578 E . 3.07 -29.49 6.10
C30 578 E . 2.77 -30.56 6.97
C31 578 E . 2.16 -30.31 8.22
C26 578 E . 1.85 -28.97 8.61
C23 578 E . 1.22 -28.73 9.84
O22 578 E . 0.65 -29.85 10.55
C20 578 E . 0.29 -29.64 11.84
O21 578 E . 0.29 -28.49 12.33
N19 578 E . -0.14 -30.71 12.48
C15 578 E . -0.55 -30.71 13.89
C16 578 E . -1.96 -31.31 14.10
C18 578 E . -3.03 -30.39 13.51
C17 578 E . -2.09 -32.70 13.51
P14 578 E . 0.77 -31.52 14.87
O24 578 E . 0.33 -31.69 16.27
O25 578 E . 1.98 -30.70 14.59
O13 578 E . 1.03 -32.98 14.22
C1 578 E . 2.27 -33.66 14.57
C2 578 E . 3.46 -33.10 13.77
O12 578 E . 4.55 -33.05 14.37
O11 578 E . 3.25 -32.75 12.60
C3 578 E . 2.21 -35.17 14.33
C8 578 E . 2.83 -36.03 15.27
C4 578 E . 1.68 -35.68 13.12
C5 578 E . 1.78 -37.06 12.84
C6 578 E . 2.41 -37.93 13.76
C7 578 E . 2.93 -37.42 14.98
C9 578 E . 3.61 -38.34 15.98
N10 578 E . 5.02 -38.54 15.59
ZN ZN F . -1.29 -0.50 -6.12
C27 578 G . -6.59 6.03 -1.53
C28 578 G . -6.52 7.21 -0.75
C29 578 G . -5.65 8.26 -1.13
C30 578 G . -4.85 8.15 -2.29
C31 578 G . -4.92 6.96 -3.07
C26 578 G . -5.79 5.90 -2.69
C23 578 G . -5.85 4.73 -3.46
O22 578 G . -5.30 4.71 -4.79
C20 578 G . -5.14 3.47 -5.36
O21 578 G . -5.60 2.46 -4.80
N19 578 G . -4.55 3.45 -6.54
C15 578 G . -4.27 2.22 -7.28
C16 578 G . -4.84 2.27 -8.72
C18 578 G . -6.38 2.19 -8.67
C17 578 G . -4.39 3.50 -9.51
P14 578 G . -2.46 1.89 -7.18
O24 578 G . -2.14 0.72 -8.04
O25 578 G . -2.17 1.83 -5.73
O13 578 G . -1.70 3.20 -7.78
C1 578 G . -0.28 3.32 -7.51
C2 578 G . -0.04 3.86 -6.07
O12 578 G . 0.98 3.44 -5.48
O11 578 G . -0.88 4.66 -5.62
C3 578 G . 0.43 4.25 -8.50
C8 578 G . 1.75 3.92 -8.90
C4 578 G . -0.15 5.48 -8.88
C5 578 G . 0.61 6.41 -9.63
C6 578 G . 1.94 6.08 -10.03
C7 578 G . 2.50 4.84 -9.66
C9 578 G . 3.92 4.49 -10.08
N10 578 G . 4.88 5.14 -9.18
ZN ZN H . -14.08 45.82 -19.78
C27 578 I . -15.84 52.00 -25.75
C28 578 I . -15.46 52.97 -26.71
C29 578 I . -15.75 54.33 -26.48
C30 578 I . -16.42 54.73 -25.29
C31 578 I . -16.80 53.76 -24.33
C26 578 I . -16.51 52.39 -24.56
C23 578 I . -16.89 51.42 -23.63
O22 578 I . -16.78 50.04 -24.03
C20 578 I . -17.00 49.08 -23.10
O21 578 I . -17.43 49.36 -21.96
N19 578 I . -16.82 47.83 -23.53
C15 578 I . -16.97 46.64 -22.69
C16 578 I . -17.96 45.63 -23.30
C18 578 I . -19.39 46.19 -23.21
C17 578 I . -17.63 45.26 -24.75
P14 578 I . -15.30 45.97 -22.35
O24 578 I . -15.41 44.72 -21.58
O25 578 I . -14.58 47.12 -21.75
O13 578 I . -14.58 45.67 -23.79
C1 578 I . -13.13 45.58 -23.82
C2 578 I . -12.45 46.97 -23.75
O12 578 I . -11.36 47.03 -23.14
O11 578 I . -13.03 47.92 -24.30
C3 578 I . -12.61 44.87 -25.06
C8 578 I . -11.52 43.99 -24.94
C4 578 I . -13.13 45.19 -26.34
C5 578 I . -12.54 44.64 -27.50
C6 578 I . -11.43 43.78 -27.38
C7 578 I . -10.91 43.44 -26.10
C9 578 I . -9.73 42.50 -25.96
N10 578 I . -8.49 43.24 -26.22
#